data_292D
# 
_entry.id   292D 
# 
_audit_conform.dict_name       mmcif_pdbx.dic 
_audit_conform.dict_version    5.389 
_audit_conform.dict_location   http://mmcif.pdb.org/dictionaries/ascii/mmcif_pdbx.dic 
# 
loop_
_database_2.database_id 
_database_2.database_code 
_database_2.pdbx_database_accession 
_database_2.pdbx_DOI 
PDB   292D         pdb_0000292d 10.2210/pdb292d/pdb 
RCSB  DDF027       ?            ?                   
WWPDB D_1000177705 ?            ?                   
# 
loop_
_pdbx_audit_revision_history.ordinal 
_pdbx_audit_revision_history.data_content_type 
_pdbx_audit_revision_history.major_revision 
_pdbx_audit_revision_history.minor_revision 
_pdbx_audit_revision_history.revision_date 
1 'Structure model' 1 0 1996-12-02 
2 'Structure model' 1 1 2008-05-22 
3 'Structure model' 1 2 2011-07-13 
4 'Structure model' 1 3 2024-02-14 
5 'Structure model' 1 4 2024-04-03 
# 
_pdbx_audit_revision_details.ordinal             1 
_pdbx_audit_revision_details.revision_ordinal    1 
_pdbx_audit_revision_details.data_content_type   'Structure model' 
_pdbx_audit_revision_details.provider            repository 
_pdbx_audit_revision_details.type                'Initial release' 
_pdbx_audit_revision_details.description         ? 
_pdbx_audit_revision_details.details             ? 
# 
loop_
_pdbx_audit_revision_group.ordinal 
_pdbx_audit_revision_group.revision_ordinal 
_pdbx_audit_revision_group.data_content_type 
_pdbx_audit_revision_group.group 
1 2 'Structure model' 'Version format compliance' 
2 3 'Structure model' 'Version format compliance' 
3 4 'Structure model' 'Data collection'           
4 4 'Structure model' 'Database references'       
5 4 'Structure model' 'Derived calculations'      
6 5 'Structure model' 'Refinement description'    
# 
loop_
_pdbx_audit_revision_category.ordinal 
_pdbx_audit_revision_category.revision_ordinal 
_pdbx_audit_revision_category.data_content_type 
_pdbx_audit_revision_category.category 
1 4 'Structure model' chem_comp_atom                
2 4 'Structure model' chem_comp_bond                
3 4 'Structure model' database_2                    
4 4 'Structure model' pdbx_struct_conn_angle        
5 4 'Structure model' struct_conn                   
6 4 'Structure model' struct_site                   
7 5 'Structure model' pdbx_initial_refinement_model 
# 
loop_
_pdbx_audit_revision_item.ordinal 
_pdbx_audit_revision_item.revision_ordinal 
_pdbx_audit_revision_item.data_content_type 
_pdbx_audit_revision_item.item 
1  4 'Structure model' '_database_2.pdbx_DOI'                        
2  4 'Structure model' '_database_2.pdbx_database_accession'         
3  4 'Structure model' '_pdbx_struct_conn_angle.ptnr1_auth_comp_id'  
4  4 'Structure model' '_pdbx_struct_conn_angle.ptnr1_auth_seq_id'   
5  4 'Structure model' '_pdbx_struct_conn_angle.ptnr1_label_asym_id' 
6  4 'Structure model' '_pdbx_struct_conn_angle.ptnr1_label_atom_id' 
7  4 'Structure model' '_pdbx_struct_conn_angle.ptnr1_label_comp_id' 
8  4 'Structure model' '_pdbx_struct_conn_angle.ptnr1_label_seq_id'  
9  4 'Structure model' '_pdbx_struct_conn_angle.ptnr2_auth_comp_id'  
10 4 'Structure model' '_pdbx_struct_conn_angle.ptnr2_auth_seq_id'   
11 4 'Structure model' '_pdbx_struct_conn_angle.ptnr2_label_asym_id' 
12 4 'Structure model' '_pdbx_struct_conn_angle.ptnr2_label_atom_id' 
13 4 'Structure model' '_pdbx_struct_conn_angle.ptnr2_label_comp_id' 
14 4 'Structure model' '_pdbx_struct_conn_angle.ptnr3_auth_comp_id'  
15 4 'Structure model' '_pdbx_struct_conn_angle.ptnr3_auth_seq_id'   
16 4 'Structure model' '_pdbx_struct_conn_angle.ptnr3_label_asym_id' 
17 4 'Structure model' '_pdbx_struct_conn_angle.ptnr3_label_atom_id' 
18 4 'Structure model' '_pdbx_struct_conn_angle.ptnr3_label_comp_id' 
19 4 'Structure model' '_pdbx_struct_conn_angle.ptnr3_label_seq_id'  
20 4 'Structure model' '_pdbx_struct_conn_angle.value'               
21 4 'Structure model' '_struct_conn.pdbx_dist_value'                
22 4 'Structure model' '_struct_conn.ptnr1_auth_asym_id'             
23 4 'Structure model' '_struct_conn.ptnr1_auth_comp_id'             
24 4 'Structure model' '_struct_conn.ptnr1_auth_seq_id'              
25 4 'Structure model' '_struct_conn.ptnr1_label_asym_id'            
26 4 'Structure model' '_struct_conn.ptnr1_label_atom_id'            
27 4 'Structure model' '_struct_conn.ptnr1_label_comp_id'            
28 4 'Structure model' '_struct_conn.ptnr1_label_seq_id'             
29 4 'Structure model' '_struct_conn.ptnr2_auth_asym_id'             
30 4 'Structure model' '_struct_conn.ptnr2_auth_comp_id'             
31 4 'Structure model' '_struct_conn.ptnr2_auth_seq_id'              
32 4 'Structure model' '_struct_conn.ptnr2_label_asym_id'            
33 4 'Structure model' '_struct_conn.ptnr2_label_atom_id'            
34 4 'Structure model' '_struct_conn.ptnr2_label_comp_id'            
35 4 'Structure model' '_struct_site.pdbx_auth_asym_id'              
36 4 'Structure model' '_struct_site.pdbx_auth_comp_id'              
37 4 'Structure model' '_struct_site.pdbx_auth_seq_id'               
# 
_pdbx_database_status.status_code                     REL 
_pdbx_database_status.entry_id                        292D 
_pdbx_database_status.recvd_initial_deposition_date   1991-10-09 
_pdbx_database_status.deposit_site                    NDB 
_pdbx_database_status.process_site                    NDB 
_pdbx_database_status.SG_entry                        . 
_pdbx_database_status.pdb_format_compatible           Y 
_pdbx_database_status.status_code_mr                  ? 
_pdbx_database_status.status_code_sf                  ? 
_pdbx_database_status.status_code_cs                  ? 
_pdbx_database_status.status_code_nmr_data            ? 
_pdbx_database_status.methods_development_category    ? 
# 
loop_
_audit_author.name 
_audit_author.pdbx_ordinal 
'Ohishi, H.'        1 
'Kunisawa, S.'      2 
'Van Der Marel, G.' 3 
'Van Boom, J.H.'    4 
'Rich, A.'          5 
'Wang, A.H.-J.'     6 
'Tomita, K.'        7 
'Hakoshima, T.'     8 
# 
_citation.id                        primary 
_citation.title                     
;Interaction between the left-handed Z-DNA and polyamine. The crystal structure of the d(CG)3 and N-(2-aminoethyl)-1,4-diamino-butane complex.
;
_citation.journal_abbrev            'FEBS Lett.' 
_citation.journal_volume            284 
_citation.page_first                238 
_citation.page_last                 244 
_citation.year                      1991 
_citation.journal_id_ASTM           FEBLAL 
_citation.country                   NE 
_citation.journal_id_ISSN           0014-5793 
_citation.journal_id_CSD            0165 
_citation.book_publisher            ? 
_citation.pdbx_database_id_PubMed   2060642 
_citation.pdbx_database_id_DOI      '10.1016/0014-5793(91)80694-X' 
# 
loop_
_citation_author.citation_id 
_citation_author.name 
_citation_author.ordinal 
_citation_author.identifier_ORCID 
primary 'Ohishi, H.'        1 ? 
primary 'Kunisawa, S.'      2 ? 
primary 'van der Marel, G.' 3 ? 
primary 'van Boom, J.H.'    4 ? 
primary 'Rich, A.'          5 ? 
primary 'Wang, A.H.'        6 ? 
primary 'Tomita, K.'        7 ? 
primary 'Hakoshima, T.'     8 ? 
# 
loop_
_entity.id 
_entity.type 
_entity.src_method 
_entity.pdbx_description 
_entity.formula_weight 
_entity.pdbx_number_of_molecules 
_entity.pdbx_ec 
_entity.pdbx_mutation 
_entity.pdbx_fragment 
_entity.details 
1 polymer     syn 
;DNA (5'-D(*CP*GP*CP*GP*CP*G)-3')
;
1810.205 2  ? ? ? ? 
2 non-polymer syn '1-(AMINOETHYL)AMINO-4-AMINOBUTANE' 131.219  1  ? ? ? ? 
3 non-polymer syn 'MAGNESIUM ION'                     24.305   3  ? ? ? ? 
4 non-polymer syn 'SODIUM ION'                        22.990   1  ? ? ? ? 
5 water       nat water                               18.015   80 ? ? ? ? 
# 
_entity_poly.entity_id                      1 
_entity_poly.type                           polydeoxyribonucleotide 
_entity_poly.nstd_linkage                   no 
_entity_poly.nstd_monomer                   no 
_entity_poly.pdbx_seq_one_letter_code       '(DC)(DG)(DC)(DG)(DC)(DG)' 
_entity_poly.pdbx_seq_one_letter_code_can   CGCGCG 
_entity_poly.pdbx_strand_id                 A,B 
_entity_poly.pdbx_target_identifier         ? 
# 
loop_
_pdbx_entity_nonpoly.entity_id 
_pdbx_entity_nonpoly.name 
_pdbx_entity_nonpoly.comp_id 
2 '1-(AMINOETHYL)AMINO-4-AMINOBUTANE' P24 
3 'MAGNESIUM ION'                     MG  
4 'SODIUM ION'                        NA  
5 water                               HOH 
# 
loop_
_entity_poly_seq.entity_id 
_entity_poly_seq.num 
_entity_poly_seq.mon_id 
_entity_poly_seq.hetero 
1 1 DC n 
1 2 DG n 
1 3 DC n 
1 4 DG n 
1 5 DC n 
1 6 DG n 
# 
loop_
_chem_comp.id 
_chem_comp.type 
_chem_comp.mon_nstd_flag 
_chem_comp.name 
_chem_comp.pdbx_synonyms 
_chem_comp.formula 
_chem_comp.formula_weight 
DC  'DNA linking' y "2'-DEOXYCYTIDINE-5'-MONOPHOSPHATE"  ?        'C9 H14 N3 O7 P'  307.197 
DG  'DNA linking' y "2'-DEOXYGUANOSINE-5'-MONOPHOSPHATE" ?        'C10 H14 N5 O7 P' 347.221 
HOH non-polymer   . WATER                                ?        'H2 O'            18.015  
MG  non-polymer   . 'MAGNESIUM ION'                      ?        'Mg 2'            24.305  
NA  non-polymer   . 'SODIUM ION'                         ?        'Na 1'            22.990  
P24 non-polymer   . '1-(AMINOETHYL)AMINO-4-AMINOBUTANE'  'PA(24)' 'C6 H17 N3'       131.219 
# 
loop_
_pdbx_poly_seq_scheme.asym_id 
_pdbx_poly_seq_scheme.entity_id 
_pdbx_poly_seq_scheme.seq_id 
_pdbx_poly_seq_scheme.mon_id 
_pdbx_poly_seq_scheme.ndb_seq_num 
_pdbx_poly_seq_scheme.pdb_seq_num 
_pdbx_poly_seq_scheme.auth_seq_num 
_pdbx_poly_seq_scheme.pdb_mon_id 
_pdbx_poly_seq_scheme.auth_mon_id 
_pdbx_poly_seq_scheme.pdb_strand_id 
_pdbx_poly_seq_scheme.pdb_ins_code 
_pdbx_poly_seq_scheme.hetero 
A 1 1 DC 1 1  1  DC C A . n 
A 1 2 DG 2 2  2  DG G A . n 
A 1 3 DC 3 3  3  DC C A . n 
A 1 4 DG 4 4  4  DG G A . n 
A 1 5 DC 5 5  5  DC C A . n 
A 1 6 DG 6 6  6  DG G A . n 
B 1 1 DC 1 7  7  DC C B . n 
B 1 2 DG 2 8  8  DG G B . n 
B 1 3 DC 3 9  9  DC C B . n 
B 1 4 DG 4 10 10 DG G B . n 
B 1 5 DC 5 11 11 DC C B . n 
B 1 6 DG 6 12 12 DG G B . n 
# 
loop_
_pdbx_nonpoly_scheme.asym_id 
_pdbx_nonpoly_scheme.entity_id 
_pdbx_nonpoly_scheme.mon_id 
_pdbx_nonpoly_scheme.ndb_seq_num 
_pdbx_nonpoly_scheme.pdb_seq_num 
_pdbx_nonpoly_scheme.auth_seq_num 
_pdbx_nonpoly_scheme.pdb_mon_id 
_pdbx_nonpoly_scheme.auth_mon_id 
_pdbx_nonpoly_scheme.pdb_strand_id 
_pdbx_nonpoly_scheme.pdb_ins_code 
C 2 P24 1  13 13 P24 P24 A . 
D 3 MG  1  14 14 MG  MO5 A . 
E 3 MG  1  15 15 MG  MO6 A . 
F 3 MG  1  16 16 MG  MO5 B . 
G 4 NA  1  17 17 NA  NA5 B . 
H 5 HOH 1  18 18 HOH HOH A . 
H 5 HOH 2  20 20 HOH HOH A . 
H 5 HOH 3  21 21 HOH HOH A . 
H 5 HOH 4  22 22 HOH HOH A . 
H 5 HOH 5  23 23 HOH HOH A . 
H 5 HOH 6  24 24 HOH HOH A . 
H 5 HOH 7  26 26 HOH HOH A . 
H 5 HOH 8  28 28 HOH HOH A . 
H 5 HOH 9  29 29 HOH HOH A . 
H 5 HOH 10 30 30 HOH HOH A . 
H 5 HOH 11 31 31 HOH HOH A . 
H 5 HOH 12 33 33 HOH HOH A . 
H 5 HOH 13 34 34 HOH HOH A . 
H 5 HOH 14 36 36 HOH HOH A . 
H 5 HOH 15 37 37 HOH HOH A . 
H 5 HOH 16 40 40 HOH HOH A . 
H 5 HOH 17 41 41 HOH HOH A . 
H 5 HOH 18 43 43 HOH HOH A . 
H 5 HOH 19 44 44 HOH HOH A . 
H 5 HOH 20 47 47 HOH HOH A . 
H 5 HOH 21 53 53 HOH HOH A . 
H 5 HOH 22 54 54 HOH HOH A . 
H 5 HOH 23 55 55 HOH HOH A . 
H 5 HOH 24 59 59 HOH HOH A . 
H 5 HOH 25 61 61 HOH HOH A . 
H 5 HOH 26 62 62 HOH HOH A . 
H 5 HOH 27 64 64 HOH HOH A . 
H 5 HOH 28 65 65 HOH HOH A . 
H 5 HOH 29 66 66 HOH HOH A . 
H 5 HOH 30 67 67 HOH HOH A . 
H 5 HOH 31 68 68 HOH HOH A . 
H 5 HOH 32 71 71 HOH HOH A . 
H 5 HOH 33 72 72 HOH HOH A . 
H 5 HOH 34 73 73 HOH HOH A . 
H 5 HOH 35 74 74 HOH HOH A . 
H 5 HOH 36 75 75 HOH HOH A . 
H 5 HOH 37 76 76 HOH HOH A . 
H 5 HOH 38 78 78 HOH HOH A . 
H 5 HOH 39 79 14 HOH MO5 A . 
H 5 HOH 40 80 14 HOH MO5 A . 
H 5 HOH 41 81 14 HOH MO5 A . 
H 5 HOH 42 82 14 HOH MO5 A . 
H 5 HOH 43 83 14 HOH MO5 A . 
H 5 HOH 44 84 15 HOH MO6 A . 
H 5 HOH 45 85 15 HOH MO6 A . 
H 5 HOH 46 86 15 HOH MO6 A . 
H 5 HOH 47 87 15 HOH MO6 A . 
I 5 HOH 1  19 19 HOH HOH B . 
I 5 HOH 2  25 25 HOH HOH B . 
I 5 HOH 3  27 27 HOH HOH B . 
I 5 HOH 4  32 32 HOH HOH B . 
I 5 HOH 5  35 35 HOH HOH B . 
I 5 HOH 6  38 38 HOH HOH B . 
I 5 HOH 7  39 39 HOH HOH B . 
I 5 HOH 8  42 42 HOH HOH B . 
I 5 HOH 9  45 45 HOH HOH B . 
I 5 HOH 10 46 46 HOH HOH B . 
I 5 HOH 11 48 48 HOH HOH B . 
I 5 HOH 12 49 49 HOH HOH B . 
I 5 HOH 13 50 50 HOH HOH B . 
I 5 HOH 14 51 51 HOH HOH B . 
I 5 HOH 15 52 52 HOH HOH B . 
I 5 HOH 16 56 56 HOH HOH B . 
I 5 HOH 17 57 57 HOH HOH B . 
I 5 HOH 18 58 58 HOH HOH B . 
I 5 HOH 19 60 60 HOH HOH B . 
I 5 HOH 20 63 63 HOH HOH B . 
I 5 HOH 21 69 69 HOH HOH B . 
I 5 HOH 22 70 70 HOH HOH B . 
I 5 HOH 23 77 77 HOH HOH B . 
I 5 HOH 24 88 16 HOH MO5 B . 
I 5 HOH 25 89 16 HOH MO5 B . 
I 5 HOH 26 90 16 HOH MO5 B . 
I 5 HOH 27 91 16 HOH MO5 B . 
I 5 HOH 28 92 16 HOH MO5 B . 
I 5 HOH 29 93 17 HOH NA5 B . 
I 5 HOH 30 94 17 HOH NA5 B . 
I 5 HOH 31 95 17 HOH NA5 B . 
I 5 HOH 32 96 17 HOH NA5 B . 
I 5 HOH 33 97 17 HOH NA5 B . 
# 
_software.name             NUCLSQ 
_software.classification   refinement 
_software.version          . 
_software.citation_id      ? 
_software.pdbx_ordinal     1 
# 
_cell.entry_id           292D 
_cell.length_a           17.940 
_cell.length_b           31.230 
_cell.length_c           44.550 
_cell.angle_alpha        90.00 
_cell.angle_beta         90.00 
_cell.angle_gamma        90.00 
_cell.Z_PDB              8 
_cell.pdbx_unique_axis   ? 
# 
_symmetry.entry_id                         292D 
_symmetry.space_group_name_H-M             'P 21 21 21' 
_symmetry.pdbx_full_space_group_name_H-M   ? 
_symmetry.cell_setting                     ? 
_symmetry.Int_Tables_number                19 
# 
_exptl.entry_id          292D 
_exptl.method            'X-RAY DIFFRACTION' 
_exptl.crystals_number   ? 
# 
_exptl_crystal.id                    1 
_exptl_crystal.density_meas          ? 
_exptl_crystal.density_Matthews      1.72 
_exptl_crystal.density_percent_sol   28.64 
_exptl_crystal.description           ? 
# 
_exptl_crystal_grow.crystal_id      1 
_exptl_crystal_grow.method          'VAPOR DIFFUSION' 
_exptl_crystal_grow.temp            ? 
_exptl_crystal_grow.temp_details    ? 
_exptl_crystal_grow.pH              7.00 
_exptl_crystal_grow.pdbx_details    'pH 7.00, VAPOR DIFFUSION' 
_exptl_crystal_grow.pdbx_pH_range   ? 
# 
loop_
_exptl_crystal_grow_comp.crystal_id 
_exptl_crystal_grow_comp.id 
_exptl_crystal_grow_comp.sol_id 
_exptl_crystal_grow_comp.name 
_exptl_crystal_grow_comp.volume 
_exptl_crystal_grow_comp.conc 
_exptl_crystal_grow_comp.details 
1 1 1 WATER                                    ? ? ? 
1 2 1 MGCL2                                    ? ? ? 
1 3 1 'NA CACODYLATE'                          ? ? ? 
1 4 1 'N-(2-AMINOETHYL)-1,4-DIAMINOBUTANE_HCL' ? ? ? 
# 
_diffrn.id                     1 
_diffrn.crystal_id             1 
_diffrn.ambient_temp           ? 
_diffrn.ambient_temp_details   ? 
# 
_diffrn_detector.diffrn_id              1 
_diffrn_detector.detector               DIFFRACTOMETER 
_diffrn_detector.type                   ? 
_diffrn_detector.pdbx_collection_date   ? 
_diffrn_detector.details                ? 
# 
_diffrn_radiation.diffrn_id                        1 
_diffrn_radiation.wavelength_id                    1 
_diffrn_radiation.pdbx_monochromatic_or_laue_m_l   ? 
_diffrn_radiation.monochromator                    ? 
_diffrn_radiation.pdbx_diffrn_protocol             ? 
_diffrn_radiation.pdbx_scattering_type             x-ray 
# 
_diffrn_radiation_wavelength.id           1 
_diffrn_radiation_wavelength.wavelength   . 
_diffrn_radiation_wavelength.wt           1.0 
# 
_diffrn_source.diffrn_id                   1 
_diffrn_source.source                      ? 
_diffrn_source.type                        ? 
_diffrn_source.pdbx_synchrotron_site       ? 
_diffrn_source.pdbx_synchrotron_beamline   ? 
_diffrn_source.pdbx_wavelength             ? 
_diffrn_source.pdbx_wavelength_list        ? 
# 
_reflns.entry_id                     292D 
_reflns.observed_criterion_sigma_I   ? 
_reflns.observed_criterion_sigma_F   ? 
_reflns.d_resolution_low             ? 
_reflns.d_resolution_high            1.000 
_reflns.number_obs                   ? 
_reflns.number_all                   ? 
_reflns.percent_possible_obs         ? 
_reflns.pdbx_Rmerge_I_obs            ? 
_reflns.pdbx_Rsym_value              ? 
_reflns.pdbx_netI_over_sigmaI        ? 
_reflns.B_iso_Wilson_estimate        ? 
_reflns.pdbx_redundancy              ? 
_reflns.pdbx_diffrn_id               1 
_reflns.pdbx_ordinal                 1 
# 
_refine.entry_id                                 292D 
_refine.ls_number_reflns_obs                     8921 
_refine.ls_number_reflns_all                     ? 
_refine.pdbx_ls_sigma_I                          ? 
_refine.pdbx_ls_sigma_F                          3.000 
_refine.pdbx_data_cutoff_high_absF               ? 
_refine.pdbx_data_cutoff_low_absF                ? 
_refine.pdbx_data_cutoff_high_rms_absF           ? 
_refine.ls_d_res_low                             ? 
_refine.ls_d_res_high                            1.000 
_refine.ls_percent_reflns_obs                    ? 
_refine.ls_R_factor_obs                          0.1610000 
_refine.ls_R_factor_all                          ? 
_refine.ls_R_factor_R_work                       ? 
_refine.ls_R_factor_R_free                       ? 
_refine.ls_R_factor_R_free_error                 ? 
_refine.ls_R_factor_R_free_error_details         ? 
_refine.ls_percent_reflns_R_free                 ? 
_refine.ls_number_reflns_R_free                  ? 
_refine.ls_number_parameters                     ? 
_refine.ls_number_restraints                     ? 
_refine.occupancy_min                            ? 
_refine.occupancy_max                            ? 
_refine.B_iso_mean                               ? 
_refine.aniso_B[1][1]                            ? 
_refine.aniso_B[2][2]                            ? 
_refine.aniso_B[3][3]                            ? 
_refine.aniso_B[1][2]                            ? 
_refine.aniso_B[1][3]                            ? 
_refine.aniso_B[2][3]                            ? 
_refine.solvent_model_details                    ? 
_refine.solvent_model_param_ksol                 ? 
_refine.solvent_model_param_bsol                 ? 
_refine.pdbx_ls_cross_valid_method               ? 
_refine.details                                  ? 
_refine.pdbx_starting_model                      ZDF001 
_refine.pdbx_method_to_determine_struct          ? 
_refine.pdbx_isotropic_thermal_model             ? 
_refine.pdbx_stereochemistry_target_values       ? 
_refine.pdbx_stereochem_target_val_spec_case     ? 
_refine.pdbx_R_Free_selection_details            ? 
_refine.pdbx_overall_ESU_R                       ? 
_refine.pdbx_overall_ESU_R_Free                  ? 
_refine.overall_SU_ML                            ? 
_refine.overall_SU_B                             ? 
_refine.pdbx_refine_id                           'X-RAY DIFFRACTION' 
_refine.pdbx_diffrn_id                           1 
_refine.pdbx_TLS_residual_ADP_flag               ? 
_refine.correlation_coeff_Fo_to_Fc               ? 
_refine.correlation_coeff_Fo_to_Fc_free          ? 
_refine.pdbx_solvent_vdw_probe_radii             ? 
_refine.pdbx_solvent_ion_probe_radii             ? 
_refine.pdbx_solvent_shrinkage_radii             ? 
_refine.pdbx_overall_phase_error                 ? 
_refine.overall_SU_R_Cruickshank_DPI             ? 
_refine.pdbx_overall_SU_R_free_Cruickshank_DPI   ? 
_refine.pdbx_overall_SU_R_Blow_DPI               ? 
_refine.pdbx_overall_SU_R_free_Blow_DPI          ? 
# 
_refine_hist.pdbx_refine_id                   'X-RAY DIFFRACTION' 
_refine_hist.cycle_id                         LAST 
_refine_hist.pdbx_number_atoms_protein        0 
_refine_hist.pdbx_number_atoms_nucleic_acid   240 
_refine_hist.pdbx_number_atoms_ligand         32 
_refine_hist.number_atoms_solvent             61 
_refine_hist.number_atoms_total               333 
_refine_hist.d_res_high                       1.000 
_refine_hist.d_res_low                        . 
# 
_struct.entry_id                  292D 
_struct.title                     
;INTERACTION BETWEEN THE LEFT-HANDED Z-DNA AND POLYAMINE:THE CRYSTAL STRUCTURE OF THE D(CG)3 AND N-(2-AMINOETHYL)-1,4-DIAMINOBUTANE COMPLEX
;
_struct.pdbx_model_details        ? 
_struct.pdbx_CASP_flag            ? 
_struct.pdbx_model_type_details   ? 
# 
_struct_keywords.entry_id        292D 
_struct_keywords.pdbx_keywords   DNA 
_struct_keywords.text            'Z-DNA, DOUBLE HELIX, COMPLEXED WITH N-(2-AMINOETHYL)-1, 4-DIAMINOBUTANE, DNA' 
# 
loop_
_struct_asym.id 
_struct_asym.pdbx_blank_PDB_chainid_flag 
_struct_asym.pdbx_modified 
_struct_asym.entity_id 
_struct_asym.details 
A N N 1 ? 
B N N 1 ? 
C N N 2 ? 
D N N 3 ? 
E N N 3 ? 
F N N 3 ? 
G N N 4 ? 
H N N 5 ? 
I N N 5 ? 
# 
_struct_ref.id                         1 
_struct_ref.entity_id                  1 
_struct_ref.db_name                    PDB 
_struct_ref.db_code                    292D 
_struct_ref.pdbx_db_accession          292D 
_struct_ref.pdbx_db_isoform            ? 
_struct_ref.pdbx_seq_one_letter_code   ? 
_struct_ref.pdbx_align_begin           ? 
# 
loop_
_struct_ref_seq.align_id 
_struct_ref_seq.ref_id 
_struct_ref_seq.pdbx_PDB_id_code 
_struct_ref_seq.pdbx_strand_id 
_struct_ref_seq.seq_align_beg 
_struct_ref_seq.pdbx_seq_align_beg_ins_code 
_struct_ref_seq.seq_align_end 
_struct_ref_seq.pdbx_seq_align_end_ins_code 
_struct_ref_seq.pdbx_db_accession 
_struct_ref_seq.db_align_beg 
_struct_ref_seq.pdbx_db_align_beg_ins_code 
_struct_ref_seq.db_align_end 
_struct_ref_seq.pdbx_db_align_end_ins_code 
_struct_ref_seq.pdbx_auth_seq_align_beg 
_struct_ref_seq.pdbx_auth_seq_align_end 
1 1 292D A 1 ? 6 ? 292D 1 ? 6  ? 1 6  
2 1 292D B 1 ? 6 ? 292D 7 ? 12 ? 7 12 
# 
_pdbx_struct_assembly.id                   1 
_pdbx_struct_assembly.details              author_defined_assembly 
_pdbx_struct_assembly.method_details       ? 
_pdbx_struct_assembly.oligomeric_details   dimeric 
_pdbx_struct_assembly.oligomeric_count     2 
# 
_pdbx_struct_assembly_gen.assembly_id       1 
_pdbx_struct_assembly_gen.oper_expression   1 
_pdbx_struct_assembly_gen.asym_id_list      A,B,C,D,E,F,G,H,I 
# 
_pdbx_struct_oper_list.id                   1 
_pdbx_struct_oper_list.type                 'identity operation' 
_pdbx_struct_oper_list.name                 1_555 
_pdbx_struct_oper_list.symmetry_operation   x,y,z 
_pdbx_struct_oper_list.matrix[1][1]         1.0000000000 
_pdbx_struct_oper_list.matrix[1][2]         0.0000000000 
_pdbx_struct_oper_list.matrix[1][3]         0.0000000000 
_pdbx_struct_oper_list.vector[1]            0.0000000000 
_pdbx_struct_oper_list.matrix[2][1]         0.0000000000 
_pdbx_struct_oper_list.matrix[2][2]         1.0000000000 
_pdbx_struct_oper_list.matrix[2][3]         0.0000000000 
_pdbx_struct_oper_list.vector[2]            0.0000000000 
_pdbx_struct_oper_list.matrix[3][1]         0.0000000000 
_pdbx_struct_oper_list.matrix[3][2]         0.0000000000 
_pdbx_struct_oper_list.matrix[3][3]         1.0000000000 
_pdbx_struct_oper_list.vector[3]            0.0000000000 
# 
_struct_biol.id   1 
# 
loop_
_struct_conn.id 
_struct_conn.conn_type_id 
_struct_conn.pdbx_leaving_atom_flag 
_struct_conn.pdbx_PDB_id 
_struct_conn.ptnr1_label_asym_id 
_struct_conn.ptnr1_label_comp_id 
_struct_conn.ptnr1_label_seq_id 
_struct_conn.ptnr1_label_atom_id 
_struct_conn.pdbx_ptnr1_label_alt_id 
_struct_conn.pdbx_ptnr1_PDB_ins_code 
_struct_conn.pdbx_ptnr1_standard_comp_id 
_struct_conn.ptnr1_symmetry 
_struct_conn.ptnr2_label_asym_id 
_struct_conn.ptnr2_label_comp_id 
_struct_conn.ptnr2_label_seq_id 
_struct_conn.ptnr2_label_atom_id 
_struct_conn.pdbx_ptnr2_label_alt_id 
_struct_conn.pdbx_ptnr2_PDB_ins_code 
_struct_conn.ptnr1_auth_asym_id 
_struct_conn.ptnr1_auth_comp_id 
_struct_conn.ptnr1_auth_seq_id 
_struct_conn.ptnr2_auth_asym_id 
_struct_conn.ptnr2_auth_comp_id 
_struct_conn.ptnr2_auth_seq_id 
_struct_conn.ptnr2_symmetry 
_struct_conn.pdbx_ptnr3_label_atom_id 
_struct_conn.pdbx_ptnr3_label_seq_id 
_struct_conn.pdbx_ptnr3_label_comp_id 
_struct_conn.pdbx_ptnr3_label_asym_id 
_struct_conn.pdbx_ptnr3_label_alt_id 
_struct_conn.pdbx_ptnr3_PDB_ins_code 
_struct_conn.details 
_struct_conn.pdbx_dist_value 
_struct_conn.pdbx_value_order 
_struct_conn.pdbx_role 
metalc1  metalc ? ? A DG 6 N7  ? ? ? 1_555 D MG  . MG ? ? A DG 6  A MG  14 1_555 ? ? ? ? ? ? ?            2.343 ? ? 
metalc2  metalc ? ? D MG . MG  ? ? ? 1_555 H HOH . O  ? ? A MG 14 A HOH 79 1_555 ? ? ? ? ? ? ?            2.163 ? ? 
metalc3  metalc ? ? D MG . MG  ? ? ? 1_555 H HOH . O  ? ? A MG 14 A HOH 80 1_555 ? ? ? ? ? ? ?            2.109 ? ? 
metalc4  metalc ? ? D MG . MG  ? ? ? 1_555 H HOH . O  ? ? A MG 14 A HOH 81 1_555 ? ? ? ? ? ? ?            2.157 ? ? 
metalc5  metalc ? ? D MG . MG  ? ? ? 1_555 H HOH . O  ? ? A MG 14 A HOH 82 1_555 ? ? ? ? ? ? ?            1.837 ? ? 
metalc6  metalc ? ? D MG . MG  ? ? ? 1_555 H HOH . O  ? ? A MG 14 A HOH 83 1_555 ? ? ? ? ? ? ?            2.145 ? ? 
metalc7  metalc ? ? E MG . MG  ? ? ? 1_555 H HOH . O  ? ? A MG 15 A HOH 82 1_555 ? ? ? ? ? ? ?            1.948 ? ? 
metalc8  metalc ? ? E MG . MG  ? ? ? 1_555 H HOH . O  ? ? A MG 15 A HOH 83 1_555 ? ? ? ? ? ? ?            2.097 ? ? 
metalc9  metalc ? ? E MG . MG  ? ? ? 1_555 H HOH . O  ? ? A MG 15 A HOH 84 1_555 ? ? ? ? ? ? ?            2.214 ? ? 
metalc10 metalc ? ? E MG . MG  ? ? ? 1_555 H HOH . O  ? ? A MG 15 A HOH 85 1_555 ? ? ? ? ? ? ?            2.292 ? ? 
metalc11 metalc ? ? E MG . MG  ? ? ? 1_555 H HOH . O  ? ? A MG 15 A HOH 86 1_555 ? ? ? ? ? ? ?            2.067 ? ? 
metalc12 metalc ? ? E MG . MG  ? ? ? 1_555 H HOH . O  ? ? A MG 15 A HOH 87 1_555 ? ? ? ? ? ? ?            2.051 ? ? 
metalc13 metalc ? ? B DC 3 OP2 ? ? ? 1_555 G NA  . NA ? ? B DC 9  B NA  17 1_555 ? ? ? ? ? ? ?            2.881 ? ? 
metalc14 metalc ? ? F MG . MG  ? ? ? 1_555 I HOH . O  ? ? B MG 16 B HOH 88 1_555 ? ? ? ? ? ? ?            2.046 ? ? 
metalc15 metalc ? ? F MG . MG  ? ? ? 1_555 I HOH . O  ? ? B MG 16 B HOH 89 1_555 ? ? ? ? ? ? ?            2.116 ? ? 
metalc16 metalc ? ? F MG . MG  ? ? ? 1_555 I HOH . O  ? ? B MG 16 B HOH 90 1_555 ? ? ? ? ? ? ?            2.098 ? ? 
metalc17 metalc ? ? F MG . MG  ? ? ? 1_555 I HOH . O  ? ? B MG 16 B HOH 91 1_555 ? ? ? ? ? ? ?            2.044 ? ? 
metalc18 metalc ? ? F MG . MG  ? ? ? 1_555 I HOH . O  ? ? B MG 16 B HOH 92 1_555 ? ? ? ? ? ? ?            2.146 ? ? 
metalc19 metalc ? ? G NA . NA  ? ? ? 1_555 I HOH . O  ? ? B NA 17 B HOH 93 1_555 ? ? ? ? ? ? ?            2.473 ? ? 
metalc20 metalc ? ? G NA . NA  ? ? ? 1_555 I HOH . O  ? ? B NA 17 B HOH 94 1_555 ? ? ? ? ? ? ?            2.623 ? ? 
metalc21 metalc ? ? G NA . NA  ? ? ? 1_555 I HOH . O  ? ? B NA 17 B HOH 95 1_555 ? ? ? ? ? ? ?            2.425 ? ? 
metalc22 metalc ? ? G NA . NA  ? ? ? 1_555 I HOH . O  ? ? B NA 17 B HOH 96 1_555 ? ? ? ? ? ? ?            2.528 ? ? 
metalc23 metalc ? ? G NA . NA  ? ? ? 1_555 I HOH . O  ? ? B NA 17 B HOH 97 1_555 ? ? ? ? ? ? ?            2.350 ? ? 
hydrog1  hydrog ? ? A DC 1 N3  ? ? ? 1_555 B DG  6 N1 ? ? A DC 1  B DG  12 1_555 ? ? ? ? ? ? WATSON-CRICK ?     ? ? 
hydrog2  hydrog ? ? A DC 1 N4  ? ? ? 1_555 B DG  6 O6 ? ? A DC 1  B DG  12 1_555 ? ? ? ? ? ? WATSON-CRICK ?     ? ? 
hydrog3  hydrog ? ? A DC 1 O2  ? ? ? 1_555 B DG  6 N2 ? ? A DC 1  B DG  12 1_555 ? ? ? ? ? ? WATSON-CRICK ?     ? ? 
hydrog4  hydrog ? ? A DG 2 N1  ? ? ? 1_555 B DC  5 N3 ? ? A DG 2  B DC  11 1_555 ? ? ? ? ? ? WATSON-CRICK ?     ? ? 
hydrog5  hydrog ? ? A DG 2 N2  ? ? ? 1_555 B DC  5 O2 ? ? A DG 2  B DC  11 1_555 ? ? ? ? ? ? WATSON-CRICK ?     ? ? 
hydrog6  hydrog ? ? A DG 2 O6  ? ? ? 1_555 B DC  5 N4 ? ? A DG 2  B DC  11 1_555 ? ? ? ? ? ? WATSON-CRICK ?     ? ? 
hydrog7  hydrog ? ? A DC 3 N3  ? ? ? 1_555 B DG  4 N1 ? ? A DC 3  B DG  10 1_555 ? ? ? ? ? ? WATSON-CRICK ?     ? ? 
hydrog8  hydrog ? ? A DC 3 N4  ? ? ? 1_555 B DG  4 O6 ? ? A DC 3  B DG  10 1_555 ? ? ? ? ? ? WATSON-CRICK ?     ? ? 
hydrog9  hydrog ? ? A DC 3 O2  ? ? ? 1_555 B DG  4 N2 ? ? A DC 3  B DG  10 1_555 ? ? ? ? ? ? WATSON-CRICK ?     ? ? 
hydrog10 hydrog ? ? A DG 4 N1  ? ? ? 1_555 B DC  3 N3 ? ? A DG 4  B DC  9  1_555 ? ? ? ? ? ? WATSON-CRICK ?     ? ? 
hydrog11 hydrog ? ? A DG 4 N2  ? ? ? 1_555 B DC  3 O2 ? ? A DG 4  B DC  9  1_555 ? ? ? ? ? ? WATSON-CRICK ?     ? ? 
hydrog12 hydrog ? ? A DG 4 O6  ? ? ? 1_555 B DC  3 N4 ? ? A DG 4  B DC  9  1_555 ? ? ? ? ? ? WATSON-CRICK ?     ? ? 
hydrog13 hydrog ? ? A DC 5 N3  ? ? ? 1_555 B DG  2 N1 ? ? A DC 5  B DG  8  1_555 ? ? ? ? ? ? WATSON-CRICK ?     ? ? 
hydrog14 hydrog ? ? A DC 5 N4  ? ? ? 1_555 B DG  2 O6 ? ? A DC 5  B DG  8  1_555 ? ? ? ? ? ? WATSON-CRICK ?     ? ? 
hydrog15 hydrog ? ? A DC 5 O2  ? ? ? 1_555 B DG  2 N2 ? ? A DC 5  B DG  8  1_555 ? ? ? ? ? ? WATSON-CRICK ?     ? ? 
hydrog16 hydrog ? ? A DG 6 N1  ? ? ? 1_555 B DC  1 N3 ? ? A DG 6  B DC  7  1_555 ? ? ? ? ? ? WATSON-CRICK ?     ? ? 
hydrog17 hydrog ? ? A DG 6 N2  ? ? ? 1_555 B DC  1 O2 ? ? A DG 6  B DC  7  1_555 ? ? ? ? ? ? WATSON-CRICK ?     ? ? 
hydrog18 hydrog ? ? A DG 6 O6  ? ? ? 1_555 B DC  1 N4 ? ? A DG 6  B DC  7  1_555 ? ? ? ? ? ? WATSON-CRICK ?     ? ? 
# 
loop_
_struct_conn_type.id 
_struct_conn_type.criteria 
_struct_conn_type.reference 
metalc ? ? 
hydrog ? ? 
# 
loop_
_pdbx_struct_conn_angle.id 
_pdbx_struct_conn_angle.ptnr1_label_atom_id 
_pdbx_struct_conn_angle.ptnr1_label_alt_id 
_pdbx_struct_conn_angle.ptnr1_label_asym_id 
_pdbx_struct_conn_angle.ptnr1_label_comp_id 
_pdbx_struct_conn_angle.ptnr1_label_seq_id 
_pdbx_struct_conn_angle.ptnr1_auth_atom_id 
_pdbx_struct_conn_angle.ptnr1_auth_asym_id 
_pdbx_struct_conn_angle.ptnr1_auth_comp_id 
_pdbx_struct_conn_angle.ptnr1_auth_seq_id 
_pdbx_struct_conn_angle.ptnr1_PDB_ins_code 
_pdbx_struct_conn_angle.ptnr1_symmetry 
_pdbx_struct_conn_angle.ptnr2_label_atom_id 
_pdbx_struct_conn_angle.ptnr2_label_alt_id 
_pdbx_struct_conn_angle.ptnr2_label_asym_id 
_pdbx_struct_conn_angle.ptnr2_label_comp_id 
_pdbx_struct_conn_angle.ptnr2_label_seq_id 
_pdbx_struct_conn_angle.ptnr2_auth_atom_id 
_pdbx_struct_conn_angle.ptnr2_auth_asym_id 
_pdbx_struct_conn_angle.ptnr2_auth_comp_id 
_pdbx_struct_conn_angle.ptnr2_auth_seq_id 
_pdbx_struct_conn_angle.ptnr2_PDB_ins_code 
_pdbx_struct_conn_angle.ptnr2_symmetry 
_pdbx_struct_conn_angle.ptnr3_label_atom_id 
_pdbx_struct_conn_angle.ptnr3_label_alt_id 
_pdbx_struct_conn_angle.ptnr3_label_asym_id 
_pdbx_struct_conn_angle.ptnr3_label_comp_id 
_pdbx_struct_conn_angle.ptnr3_label_seq_id 
_pdbx_struct_conn_angle.ptnr3_auth_atom_id 
_pdbx_struct_conn_angle.ptnr3_auth_asym_id 
_pdbx_struct_conn_angle.ptnr3_auth_comp_id 
_pdbx_struct_conn_angle.ptnr3_auth_seq_id 
_pdbx_struct_conn_angle.ptnr3_PDB_ins_code 
_pdbx_struct_conn_angle.ptnr3_symmetry 
_pdbx_struct_conn_angle.value 
_pdbx_struct_conn_angle.value_esd 
1  N7  ? A DG  6 ? A DG  6  ? 1_555 MG ? D MG . ? A MG 14 ? 1_555 O ? H HOH . ? A HOH 79 ? 1_555 86.6  ? 
2  N7  ? A DG  6 ? A DG  6  ? 1_555 MG ? D MG . ? A MG 14 ? 1_555 O ? H HOH . ? A HOH 80 ? 1_555 86.6  ? 
3  O   ? H HOH . ? A HOH 79 ? 1_555 MG ? D MG . ? A MG 14 ? 1_555 O ? H HOH . ? A HOH 80 ? 1_555 167.4 ? 
4  N7  ? A DG  6 ? A DG  6  ? 1_555 MG ? D MG . ? A MG 14 ? 1_555 O ? H HOH . ? A HOH 81 ? 1_555 90.3  ? 
5  O   ? H HOH . ? A HOH 79 ? 1_555 MG ? D MG . ? A MG 14 ? 1_555 O ? H HOH . ? A HOH 81 ? 1_555 77.7  ? 
6  O   ? H HOH . ? A HOH 80 ? 1_555 MG ? D MG . ? A MG 14 ? 1_555 O ? H HOH . ? A HOH 81 ? 1_555 91.8  ? 
7  N7  ? A DG  6 ? A DG  6  ? 1_555 MG ? D MG . ? A MG 14 ? 1_555 O ? H HOH . ? A HOH 82 ? 1_555 91.8  ? 
8  O   ? H HOH . ? A HOH 79 ? 1_555 MG ? D MG . ? A MG 14 ? 1_555 O ? H HOH . ? A HOH 82 ? 1_555 91.0  ? 
9  O   ? H HOH . ? A HOH 80 ? 1_555 MG ? D MG . ? A MG 14 ? 1_555 O ? H HOH . ? A HOH 82 ? 1_555 99.8  ? 
10 O   ? H HOH . ? A HOH 81 ? 1_555 MG ? D MG . ? A MG 14 ? 1_555 O ? H HOH . ? A HOH 82 ? 1_555 168.4 ? 
11 N7  ? A DG  6 ? A DG  6  ? 1_555 MG ? D MG . ? A MG 14 ? 1_555 O ? H HOH . ? A HOH 83 ? 1_555 175.9 ? 
12 O   ? H HOH . ? A HOH 79 ? 1_555 MG ? D MG . ? A MG 14 ? 1_555 O ? H HOH . ? A HOH 83 ? 1_555 96.1  ? 
13 O   ? H HOH . ? A HOH 80 ? 1_555 MG ? D MG . ? A MG 14 ? 1_555 O ? H HOH . ? A HOH 83 ? 1_555 90.2  ? 
14 O   ? H HOH . ? A HOH 81 ? 1_555 MG ? D MG . ? A MG 14 ? 1_555 O ? H HOH . ? A HOH 83 ? 1_555 87.3  ? 
15 O   ? H HOH . ? A HOH 82 ? 1_555 MG ? D MG . ? A MG 14 ? 1_555 O ? H HOH . ? A HOH 83 ? 1_555 91.2  ? 
16 O   ? H HOH . ? A HOH 82 ? 1_555 MG ? E MG . ? A MG 15 ? 1_555 O ? H HOH . ? A HOH 83 ? 1_555 89.6  ? 
17 O   ? H HOH . ? A HOH 82 ? 1_555 MG ? E MG . ? A MG 15 ? 1_555 O ? H HOH . ? A HOH 84 ? 1_555 118.4 ? 
18 O   ? H HOH . ? A HOH 83 ? 1_555 MG ? E MG . ? A MG 15 ? 1_555 O ? H HOH . ? A HOH 84 ? 1_555 98.1  ? 
19 O   ? H HOH . ? A HOH 82 ? 1_555 MG ? E MG . ? A MG 15 ? 1_555 O ? H HOH . ? A HOH 85 ? 1_555 69.3  ? 
20 O   ? H HOH . ? A HOH 83 ? 1_555 MG ? E MG . ? A MG 15 ? 1_555 O ? H HOH . ? A HOH 85 ? 1_555 102.8 ? 
21 O   ? H HOH . ? A HOH 84 ? 1_555 MG ? E MG . ? A MG 15 ? 1_555 O ? H HOH . ? A HOH 85 ? 1_555 157.9 ? 
22 O   ? H HOH . ? A HOH 82 ? 1_555 MG ? E MG . ? A MG 15 ? 1_555 O ? H HOH . ? A HOH 86 ? 1_555 80.0  ? 
23 O   ? H HOH . ? A HOH 83 ? 1_555 MG ? E MG . ? A MG 15 ? 1_555 O ? H HOH . ? A HOH 86 ? 1_555 164.6 ? 
24 O   ? H HOH . ? A HOH 84 ? 1_555 MG ? E MG . ? A MG 15 ? 1_555 O ? H HOH . ? A HOH 86 ? 1_555 77.4  ? 
25 O   ? H HOH . ? A HOH 85 ? 1_555 MG ? E MG . ? A MG 15 ? 1_555 O ? H HOH . ? A HOH 86 ? 1_555 84.2  ? 
26 O   ? H HOH . ? A HOH 82 ? 1_555 MG ? E MG . ? A MG 15 ? 1_555 O ? H HOH . ? A HOH 87 ? 1_555 150.7 ? 
27 O   ? H HOH . ? A HOH 83 ? 1_555 MG ? E MG . ? A MG 15 ? 1_555 O ? H HOH . ? A HOH 87 ? 1_555 89.9  ? 
28 O   ? H HOH . ? A HOH 84 ? 1_555 MG ? E MG . ? A MG 15 ? 1_555 O ? H HOH . ? A HOH 87 ? 1_555 90.7  ? 
29 O   ? H HOH . ? A HOH 85 ? 1_555 MG ? E MG . ? A MG 15 ? 1_555 O ? H HOH . ? A HOH 87 ? 1_555 82.2  ? 
30 O   ? H HOH . ? A HOH 86 ? 1_555 MG ? E MG . ? A MG 15 ? 1_555 O ? H HOH . ? A HOH 87 ? 1_555 104.7 ? 
31 OP2 ? B DC  3 ? B DC  9  ? 1_555 NA ? G NA . ? B NA 17 ? 1_555 O ? I HOH . ? B HOH 93 ? 1_555 163.4 ? 
32 OP2 ? B DC  3 ? B DC  9  ? 1_555 NA ? G NA . ? B NA 17 ? 1_555 O ? I HOH . ? B HOH 94 ? 1_555 107.0 ? 
33 O   ? I HOH . ? B HOH 93 ? 1_555 NA ? G NA . ? B NA 17 ? 1_555 O ? I HOH . ? B HOH 94 ? 1_555 76.3  ? 
34 OP2 ? B DC  3 ? B DC  9  ? 1_555 NA ? G NA . ? B NA 17 ? 1_555 O ? I HOH . ? B HOH 95 ? 1_555 92.2  ? 
35 O   ? I HOH . ? B HOH 93 ? 1_555 NA ? G NA . ? B NA 17 ? 1_555 O ? I HOH . ? B HOH 95 ? 1_555 82.2  ? 
36 O   ? I HOH . ? B HOH 94 ? 1_555 NA ? G NA . ? B NA 17 ? 1_555 O ? I HOH . ? B HOH 95 ? 1_555 157.9 ? 
37 OP2 ? B DC  3 ? B DC  9  ? 1_555 NA ? G NA . ? B NA 17 ? 1_555 O ? I HOH . ? B HOH 96 ? 1_555 80.0  ? 
38 O   ? I HOH . ? B HOH 93 ? 1_555 NA ? G NA . ? B NA 17 ? 1_555 O ? I HOH . ? B HOH 96 ? 1_555 85.0  ? 
39 O   ? I HOH . ? B HOH 94 ? 1_555 NA ? G NA . ? B NA 17 ? 1_555 O ? I HOH . ? B HOH 96 ? 1_555 77.3  ? 
40 O   ? I HOH . ? B HOH 95 ? 1_555 NA ? G NA . ? B NA 17 ? 1_555 O ? I HOH . ? B HOH 96 ? 1_555 95.6  ? 
41 OP2 ? B DC  3 ? B DC  9  ? 1_555 NA ? G NA . ? B NA 17 ? 1_555 O ? I HOH . ? B HOH 97 ? 1_555 133.5 ? 
42 O   ? I HOH . ? B HOH 93 ? 1_555 NA ? G NA . ? B NA 17 ? 1_555 O ? I HOH . ? B HOH 97 ? 1_555 62.2  ? 
43 O   ? I HOH . ? B HOH 94 ? 1_555 NA ? G NA . ? B NA 17 ? 1_555 O ? I HOH . ? B HOH 97 ? 1_555 85.9  ? 
44 O   ? I HOH . ? B HOH 95 ? 1_555 NA ? G NA . ? B NA 17 ? 1_555 O ? I HOH . ? B HOH 97 ? 1_555 88.9  ? 
45 O   ? I HOH . ? B HOH 96 ? 1_555 NA ? G NA . ? B NA 17 ? 1_555 O ? I HOH . ? B HOH 97 ? 1_555 146.1 ? 
46 O   ? I HOH . ? B HOH 88 ? 1_555 MG ? F MG . ? B MG 16 ? 1_555 O ? I HOH . ? B HOH 89 ? 1_555 178.2 ? 
47 O   ? I HOH . ? B HOH 88 ? 1_555 MG ? F MG . ? B MG 16 ? 1_555 O ? I HOH . ? B HOH 90 ? 1_555 93.1  ? 
48 O   ? I HOH . ? B HOH 89 ? 1_555 MG ? F MG . ? B MG 16 ? 1_555 O ? I HOH . ? B HOH 90 ? 1_555 85.4  ? 
49 O   ? I HOH . ? B HOH 88 ? 1_555 MG ? F MG . ? B MG 16 ? 1_555 O ? I HOH . ? B HOH 91 ? 1_555 84.2  ? 
50 O   ? I HOH . ? B HOH 89 ? 1_555 MG ? F MG . ? B MG 16 ? 1_555 O ? I HOH . ? B HOH 91 ? 1_555 97.1  ? 
51 O   ? I HOH . ? B HOH 90 ? 1_555 MG ? F MG . ? B MG 16 ? 1_555 O ? I HOH . ? B HOH 91 ? 1_555 169.9 ? 
52 O   ? I HOH . ? B HOH 88 ? 1_555 MG ? F MG . ? B MG 16 ? 1_555 O ? I HOH . ? B HOH 92 ? 1_555 83.7  ? 
53 O   ? I HOH . ? B HOH 89 ? 1_555 MG ? F MG . ? B MG 16 ? 1_555 O ? I HOH . ? B HOH 92 ? 1_555 97.5  ? 
54 O   ? I HOH . ? B HOH 90 ? 1_555 MG ? F MG . ? B MG 16 ? 1_555 O ? I HOH . ? B HOH 92 ? 1_555 99.4  ? 
55 O   ? I HOH . ? B HOH 91 ? 1_555 MG ? F MG . ? B MG 16 ? 1_555 O ? I HOH . ? B HOH 92 ? 1_555 90.0  ? 
# 
loop_
_struct_site.id 
_struct_site.pdbx_evidence_code 
_struct_site.pdbx_auth_asym_id 
_struct_site.pdbx_auth_comp_id 
_struct_site.pdbx_auth_seq_id 
_struct_site.pdbx_auth_ins_code 
_struct_site.pdbx_num_residues 
_struct_site.details 
AC1 Software A P24 13 ? 11 'BINDING SITE FOR RESIDUE P24 A 13' 
AC2 Software A MG  14 ? 7  'BINDING SITE FOR RESIDUE MG A 14'  
AC3 Software A MG  15 ? 7  'BINDING SITE FOR RESIDUE MG A 15'  
AC4 Software B MG  16 ? 5  'BINDING SITE FOR RESIDUE MG B 16'  
AC5 Software B NA  17 ? 6  'BINDING SITE FOR RESIDUE NA B 17'  
# 
loop_
_struct_site_gen.id 
_struct_site_gen.site_id 
_struct_site_gen.pdbx_num_res 
_struct_site_gen.label_comp_id 
_struct_site_gen.label_asym_id 
_struct_site_gen.label_seq_id 
_struct_site_gen.pdbx_auth_ins_code 
_struct_site_gen.auth_comp_id 
_struct_site_gen.auth_asym_id 
_struct_site_gen.auth_seq_id 
_struct_site_gen.label_atom_id 
_struct_site_gen.label_alt_id 
_struct_site_gen.symmetry 
_struct_site_gen.details 
1  AC1 11 DG  A 2 ? DG  A 2  . ? 1_555 ? 
2  AC1 11 DC  A 3 ? DC  A 3  . ? 1_555 ? 
3  AC1 11 DG  A 4 ? DG  A 4  . ? 4_465 ? 
4  AC1 11 DG  A 4 ? DG  A 4  . ? 1_555 ? 
5  AC1 11 HOH H . ? HOH A 18 . ? 1_555 ? 
6  AC1 11 HOH H . ? HOH A 20 . ? 1_555 ? 
7  AC1 11 HOH H . ? HOH A 55 . ? 4_565 ? 
8  AC1 11 HOH H . ? HOH A 72 . ? 4_565 ? 
9  AC1 11 HOH H . ? HOH A 73 . ? 4_565 ? 
10 AC1 11 HOH H . ? HOH A 74 . ? 4_565 ? 
11 AC1 11 HOH H . ? HOH A 78 . ? 4_465 ? 
12 AC2 7  DG  A 6 ? DG  A 6  . ? 1_555 ? 
13 AC2 7  MG  E . ? MG  A 15 . ? 1_555 ? 
14 AC2 7  HOH H . ? HOH A 79 . ? 1_555 ? 
15 AC2 7  HOH H . ? HOH A 80 . ? 1_555 ? 
16 AC2 7  HOH H . ? HOH A 81 . ? 1_555 ? 
17 AC2 7  HOH H . ? HOH A 82 . ? 1_555 ? 
18 AC2 7  HOH H . ? HOH A 83 . ? 1_555 ? 
19 AC3 7  MG  D . ? MG  A 14 . ? 1_555 ? 
20 AC3 7  HOH H . ? HOH A 82 . ? 1_555 ? 
21 AC3 7  HOH H . ? HOH A 83 . ? 1_555 ? 
22 AC3 7  HOH H . ? HOH A 84 . ? 1_555 ? 
23 AC3 7  HOH H . ? HOH A 85 . ? 1_555 ? 
24 AC3 7  HOH H . ? HOH A 86 . ? 1_555 ? 
25 AC3 7  HOH H . ? HOH A 87 . ? 1_555 ? 
26 AC4 5  HOH I . ? HOH B 88 . ? 1_555 ? 
27 AC4 5  HOH I . ? HOH B 89 . ? 1_555 ? 
28 AC4 5  HOH I . ? HOH B 90 . ? 1_555 ? 
29 AC4 5  HOH I . ? HOH B 91 . ? 1_555 ? 
30 AC4 5  HOH I . ? HOH B 92 . ? 1_555 ? 
31 AC5 6  DC  B 3 ? DC  B 9  . ? 1_555 ? 
32 AC5 6  HOH I . ? HOH B 93 . ? 1_555 ? 
33 AC5 6  HOH I . ? HOH B 94 . ? 1_555 ? 
34 AC5 6  HOH I . ? HOH B 95 . ? 1_555 ? 
35 AC5 6  HOH I . ? HOH B 96 . ? 1_555 ? 
36 AC5 6  HOH I . ? HOH B 97 . ? 1_555 ? 
# 
_pdbx_validate_close_contact.id               1 
_pdbx_validate_close_contact.PDB_model_num    1 
_pdbx_validate_close_contact.auth_atom_id_1   O 
_pdbx_validate_close_contact.auth_asym_id_1   A 
_pdbx_validate_close_contact.auth_comp_id_1   HOH 
_pdbx_validate_close_contact.auth_seq_id_1    26 
_pdbx_validate_close_contact.PDB_ins_code_1   ? 
_pdbx_validate_close_contact.label_alt_id_1   ? 
_pdbx_validate_close_contact.auth_atom_id_2   O 
_pdbx_validate_close_contact.auth_asym_id_2   A 
_pdbx_validate_close_contact.auth_comp_id_2   HOH 
_pdbx_validate_close_contact.auth_seq_id_2    71 
_pdbx_validate_close_contact.PDB_ins_code_2   ? 
_pdbx_validate_close_contact.label_alt_id_2   ? 
_pdbx_validate_close_contact.dist             2.04 
# 
_pdbx_validate_symm_contact.id                1 
_pdbx_validate_symm_contact.PDB_model_num     1 
_pdbx_validate_symm_contact.auth_atom_id_1    OP1 
_pdbx_validate_symm_contact.auth_asym_id_1    A 
_pdbx_validate_symm_contact.auth_comp_id_1    DG 
_pdbx_validate_symm_contact.auth_seq_id_1     6 
_pdbx_validate_symm_contact.PDB_ins_code_1    ? 
_pdbx_validate_symm_contact.label_alt_id_1    ? 
_pdbx_validate_symm_contact.site_symmetry_1   1_555 
_pdbx_validate_symm_contact.auth_atom_id_2    O 
_pdbx_validate_symm_contact.auth_asym_id_2    B 
_pdbx_validate_symm_contact.auth_comp_id_2    HOH 
_pdbx_validate_symm_contact.auth_seq_id_2     95 
_pdbx_validate_symm_contact.PDB_ins_code_2    ? 
_pdbx_validate_symm_contact.label_alt_id_2    ? 
_pdbx_validate_symm_contact.site_symmetry_2   3_755 
_pdbx_validate_symm_contact.dist              2.03 
# 
loop_
_pdbx_validate_rmsd_bond.id 
_pdbx_validate_rmsd_bond.PDB_model_num 
_pdbx_validate_rmsd_bond.auth_atom_id_1 
_pdbx_validate_rmsd_bond.auth_asym_id_1 
_pdbx_validate_rmsd_bond.auth_comp_id_1 
_pdbx_validate_rmsd_bond.auth_seq_id_1 
_pdbx_validate_rmsd_bond.PDB_ins_code_1 
_pdbx_validate_rmsd_bond.label_alt_id_1 
_pdbx_validate_rmsd_bond.auth_atom_id_2 
_pdbx_validate_rmsd_bond.auth_asym_id_2 
_pdbx_validate_rmsd_bond.auth_comp_id_2 
_pdbx_validate_rmsd_bond.auth_seq_id_2 
_pdbx_validate_rmsd_bond.PDB_ins_code_2 
_pdbx_validate_rmsd_bond.label_alt_id_2 
_pdbx_validate_rmsd_bond.bond_value 
_pdbx_validate_rmsd_bond.bond_target_value 
_pdbx_validate_rmsd_bond.bond_deviation 
_pdbx_validate_rmsd_bond.bond_standard_deviation 
_pdbx_validate_rmsd_bond.linker_flag 
1  1 "O4'" A DG 2  ? ? "C4'" A DG 2  ? ? 1.377 1.446 -0.069 0.010 N 
2  1 N9    A DG 2  ? ? C4    A DG 2  ? ? 1.425 1.375 0.050  0.008 N 
3  1 "C2'" A DC 3  ? ? "C1'" A DC 3  ? ? 1.589 1.519 0.070  0.010 N 
4  1 N3    A DG 4  ? ? C4    A DG 4  ? ? 1.392 1.350 0.042  0.007 N 
5  1 N7    A DG 4  ? ? C8    A DG 4  ? ? 1.352 1.305 0.047  0.006 N 
6  1 N9    A DG 4  ? ? C4    A DG 4  ? ? 1.424 1.375 0.049  0.008 N 
7  1 "C5'" A DC 5  ? ? "C4'" A DC 5  ? ? 1.601 1.512 0.089  0.007 N 
8  1 "C1'" A DC 5  ? ? N1    A DC 5  ? ? 1.574 1.488 0.086  0.013 N 
9  1 P     A DG 6  ? ? OP2   A DG 6  ? ? 1.358 1.485 -0.127 0.017 N 
10 1 N7    A DG 6  ? ? C8    A DG 6  ? ? 1.344 1.305 0.039  0.006 N 
11 1 "C2'" B DC 7  ? ? "C1'" B DC 7  ? ? 1.583 1.519 0.064  0.010 N 
12 1 N1    B DC 7  ? ? C6    B DC 7  ? ? 1.404 1.367 0.037  0.006 N 
13 1 N3    B DC 7  ? ? C4    B DC 7  ? ? 1.398 1.335 0.063  0.007 N 
14 1 "C2'" B DG 8  ? ? "C1'" B DG 8  ? ? 1.590 1.519 0.071  0.010 N 
15 1 "O3'" B DG 8  ? ? P     B DC 9  ? ? 1.683 1.607 0.076  0.012 Y 
16 1 P     B DC 9  ? ? OP1   B DC 9  ? ? 1.283 1.485 -0.202 0.017 N 
17 1 "C5'" B DC 9  ? ? "C4'" B DC 9  ? ? 1.576 1.512 0.064  0.007 N 
18 1 "C2'" B DC 9  ? ? "C1'" B DC 9  ? ? 1.597 1.519 0.078  0.010 N 
19 1 "O4'" B DC 9  ? ? "C4'" B DC 9  ? ? 1.379 1.446 -0.067 0.010 N 
20 1 "C2'" B DG 10 ? ? "C1'" B DG 10 ? ? 1.601 1.519 0.082  0.010 N 
21 1 C6    B DG 10 ? ? N1    B DG 10 ? ? 1.339 1.391 -0.052 0.007 N 
22 1 C5    B DG 10 ? ? N7    B DG 10 ? ? 1.344 1.388 -0.044 0.006 N 
23 1 C8    B DG 10 ? ? N9    B DG 10 ? ? 1.294 1.374 -0.080 0.007 N 
24 1 P     B DG 12 ? ? OP1   B DG 12 ? ? 1.361 1.485 -0.124 0.017 N 
25 1 "C2'" B DG 12 ? ? "C1'" B DG 12 ? ? 1.591 1.519 0.072  0.010 N 
26 1 C2    B DG 12 ? ? N3    B DG 12 ? ? 1.393 1.323 0.070  0.008 N 
27 1 N3    B DG 12 ? ? C4    B DG 12 ? ? 1.304 1.350 -0.046 0.007 N 
28 1 N9    B DG 12 ? ? C4    B DG 12 ? ? 1.426 1.375 0.051  0.008 N 
# 
loop_
_pdbx_validate_rmsd_angle.id 
_pdbx_validate_rmsd_angle.PDB_model_num 
_pdbx_validate_rmsd_angle.auth_atom_id_1 
_pdbx_validate_rmsd_angle.auth_asym_id_1 
_pdbx_validate_rmsd_angle.auth_comp_id_1 
_pdbx_validate_rmsd_angle.auth_seq_id_1 
_pdbx_validate_rmsd_angle.PDB_ins_code_1 
_pdbx_validate_rmsd_angle.label_alt_id_1 
_pdbx_validate_rmsd_angle.auth_atom_id_2 
_pdbx_validate_rmsd_angle.auth_asym_id_2 
_pdbx_validate_rmsd_angle.auth_comp_id_2 
_pdbx_validate_rmsd_angle.auth_seq_id_2 
_pdbx_validate_rmsd_angle.PDB_ins_code_2 
_pdbx_validate_rmsd_angle.label_alt_id_2 
_pdbx_validate_rmsd_angle.auth_atom_id_3 
_pdbx_validate_rmsd_angle.auth_asym_id_3 
_pdbx_validate_rmsd_angle.auth_comp_id_3 
_pdbx_validate_rmsd_angle.auth_seq_id_3 
_pdbx_validate_rmsd_angle.PDB_ins_code_3 
_pdbx_validate_rmsd_angle.label_alt_id_3 
_pdbx_validate_rmsd_angle.angle_value 
_pdbx_validate_rmsd_angle.angle_target_value 
_pdbx_validate_rmsd_angle.angle_deviation 
_pdbx_validate_rmsd_angle.angle_standard_deviation 
_pdbx_validate_rmsd_angle.linker_flag 
1  1 "C3'" A DC 1  ? ? "C2'" A DC 1  ? ? "C1'" A DC 1  ? ? 97.36  102.40 -5.04 0.80 N 
2  1 N7    A DG 2  ? ? C8    A DG 2  ? ? N9    A DG 2  ? ? 108.13 113.10 -4.97 0.50 N 
3  1 C8    A DG 2  ? ? N9    A DG 2  ? ? C4    A DG 2  ? ? 109.37 106.40 2.97  0.40 N 
4  1 N9    A DG 2  ? ? C4    A DG 2  ? ? C5    A DG 2  ? ? 102.24 105.40 -3.16 0.40 N 
5  1 N1    A DG 2  ? ? C6    A DG 2  ? ? O6    A DG 2  ? ? 123.90 119.90 4.00  0.60 N 
6  1 C5    A DG 2  ? ? C6    A DG 2  ? ? O6    A DG 2  ? ? 123.03 128.60 -5.57 0.60 N 
7  1 C2    A DC 3  ? ? N3    A DC 3  ? ? C4    A DC 3  ? ? 125.36 119.90 5.46  0.50 N 
8  1 N3    A DC 3  ? ? C4    A DC 3  ? ? C5    A DC 3  ? ? 115.22 121.90 -6.68 0.40 N 
9  1 C4    A DC 3  ? ? C5    A DC 3  ? ? C6    A DC 3  ? ? 122.34 117.40 4.94  0.50 N 
10 1 N1    A DC 3  ? ? C2    A DC 3  ? ? O2    A DC 3  ? ? 122.52 118.90 3.62  0.60 N 
11 1 C5    A DC 3  ? ? C4    A DC 3  ? ? N4    A DC 3  ? ? 124.55 120.20 4.35  0.70 N 
12 1 C5    A DG 4  ? ? C6    A DG 4  ? ? N1    A DG 4  ? ? 115.49 111.50 3.99  0.50 N 
13 1 N3    A DG 4  ? ? C2    A DG 4  ? ? N2    A DG 4  ? ? 115.09 119.90 -4.81 0.70 N 
14 1 N1    A DG 4  ? ? C6    A DG 4  ? ? O6    A DG 4  ? ? 116.27 119.90 -3.63 0.60 N 
15 1 "C3'" A DC 5  ? ? "C2'" A DC 5  ? ? "C1'" A DC 5  ? ? 95.72  102.40 -6.68 0.80 N 
16 1 N1    A DC 5  ? ? C2    A DC 5  ? ? O2    A DC 5  ? ? 123.97 118.90 5.07  0.60 N 
17 1 "O4'" A DG 6  ? ? "C1'" A DG 6  ? ? N9    A DG 6  ? ? 111.11 108.30 2.81  0.30 N 
18 1 N1    A DG 6  ? ? C2    A DG 6  ? ? N2    A DG 6  ? ? 122.35 116.20 6.15  0.90 N 
19 1 N3    A DG 6  ? ? C2    A DG 6  ? ? N2    A DG 6  ? ? 115.70 119.90 -4.20 0.70 N 
20 1 C5    B DC 7  ? ? C4    B DC 7  ? ? N4    B DC 7  ? ? 124.93 120.20 4.73  0.70 N 
21 1 "C4'" B DG 8  ? ? "C3'" B DG 8  ? ? "C2'" B DG 8  ? ? 108.83 103.10 5.73  0.90 N 
22 1 "O4'" B DG 8  ? ? "C1'" B DG 8  ? ? "C2'" B DG 8  ? ? 110.43 106.80 3.63  0.50 N 
23 1 "O4'" B DG 8  ? ? "C1'" B DG 8  ? ? N9    B DG 8  ? ? 110.82 108.30 2.52  0.30 N 
24 1 "O3'" B DG 8  ? ? P     B DC 9  ? ? OP2   B DC 9  ? ? 117.44 110.50 6.94  1.10 Y 
25 1 C6    B DC 9  ? ? N1    B DC 9  ? ? C2    B DC 9  ? ? 117.80 120.30 -2.50 0.40 N 
26 1 C4    B DC 9  ? ? C5    B DC 9  ? ? C6    B DC 9  ? ? 112.86 117.40 -4.54 0.50 N 
27 1 C5    B DC 9  ? ? C6    B DC 9  ? ? N1    B DC 9  ? ? 126.03 121.00 5.03  0.50 N 
28 1 "O4'" B DG 10 ? ? "C1'" B DG 10 ? ? N9    B DG 10 ? ? 112.73 108.30 4.43  0.30 N 
29 1 C6    B DG 10 ? ? N1    B DG 10 ? ? C2    B DG 10 ? ? 120.50 125.10 -4.60 0.60 N 
30 1 C5    B DG 10 ? ? C6    B DG 10 ? ? N1    B DG 10 ? ? 115.85 111.50 4.35  0.50 N 
31 1 N7    B DG 10 ? ? C8    B DG 10 ? ? N9    B DG 10 ? ? 117.02 113.10 3.92  0.50 N 
32 1 C5    B DG 10 ? ? C6    B DG 10 ? ? O6    B DG 10 ? ? 124.10 128.60 -4.50 0.60 N 
33 1 "O4'" B DC 11 ? ? "C1'" B DC 11 ? ? N1    B DC 11 ? ? 103.47 108.00 -4.53 0.70 N 
34 1 C2    B DC 11 ? ? N3    B DC 11 ? ? C4    B DC 11 ? ? 123.31 119.90 3.41  0.50 N 
35 1 N3    B DC 11 ? ? C4    B DC 11 ? ? C5    B DC 11 ? ? 118.36 121.90 -3.54 0.40 N 
36 1 C5    B DC 11 ? ? C4    B DC 11 ? ? N4    B DC 11 ? ? 125.97 120.20 5.77  0.70 N 
37 1 "O4'" B DG 12 ? ? "C4'" B DG 12 ? ? "C3'" B DG 12 ? ? 110.00 106.00 4.00  0.60 N 
38 1 C5    B DG 12 ? ? C6    B DG 12 ? ? N1    B DG 12 ? ? 116.92 111.50 5.42  0.50 N 
39 1 N9    B DG 12 ? ? C4    B DG 12 ? ? C5    B DG 12 ? ? 102.82 105.40 -2.58 0.40 N 
40 1 N3    B DG 12 ? ? C4    B DG 12 ? ? N9    B DG 12 ? ? 129.96 126.00 3.96  0.60 N 
41 1 C5    B DG 12 ? ? C6    B DG 12 ? ? O6    B DG 12 ? ? 124.20 128.60 -4.40 0.60 N 
# 
loop_
_refine_B_iso.class 
_refine_B_iso.details 
_refine_B_iso.treatment 
_refine_B_iso.pdbx_refine_id 
'ALL ATOMS'  TR isotropic 'X-RAY DIFFRACTION' 
'ALL WATERS' TR isotropic 'X-RAY DIFFRACTION' 
'ALL IONS'   TR isotropic 'X-RAY DIFFRACTION' 
# 
loop_
_refine_occupancy.class 
_refine_occupancy.treatment 
_refine_occupancy.pdbx_refine_id 
'ALL ATOMS'  fix 'X-RAY DIFFRACTION' 
'ALL WATERS' fix 'X-RAY DIFFRACTION' 
'ALL IONS'   fix 'X-RAY DIFFRACTION' 
# 
loop_
_chem_comp_atom.comp_id 
_chem_comp_atom.atom_id 
_chem_comp_atom.type_symbol 
_chem_comp_atom.pdbx_aromatic_flag 
_chem_comp_atom.pdbx_stereo_config 
_chem_comp_atom.pdbx_ordinal 
DC  OP3    O  N N 1   
DC  P      P  N N 2   
DC  OP1    O  N N 3   
DC  OP2    O  N N 4   
DC  "O5'"  O  N N 5   
DC  "C5'"  C  N N 6   
DC  "C4'"  C  N R 7   
DC  "O4'"  O  N N 8   
DC  "C3'"  C  N S 9   
DC  "O3'"  O  N N 10  
DC  "C2'"  C  N N 11  
DC  "C1'"  C  N R 12  
DC  N1     N  N N 13  
DC  C2     C  N N 14  
DC  O2     O  N N 15  
DC  N3     N  N N 16  
DC  C4     C  N N 17  
DC  N4     N  N N 18  
DC  C5     C  N N 19  
DC  C6     C  N N 20  
DC  HOP3   H  N N 21  
DC  HOP2   H  N N 22  
DC  "H5'"  H  N N 23  
DC  "H5''" H  N N 24  
DC  "H4'"  H  N N 25  
DC  "H3'"  H  N N 26  
DC  "HO3'" H  N N 27  
DC  "H2'"  H  N N 28  
DC  "H2''" H  N N 29  
DC  "H1'"  H  N N 30  
DC  H41    H  N N 31  
DC  H42    H  N N 32  
DC  H5     H  N N 33  
DC  H6     H  N N 34  
DG  OP3    O  N N 35  
DG  P      P  N N 36  
DG  OP1    O  N N 37  
DG  OP2    O  N N 38  
DG  "O5'"  O  N N 39  
DG  "C5'"  C  N N 40  
DG  "C4'"  C  N R 41  
DG  "O4'"  O  N N 42  
DG  "C3'"  C  N S 43  
DG  "O3'"  O  N N 44  
DG  "C2'"  C  N N 45  
DG  "C1'"  C  N R 46  
DG  N9     N  Y N 47  
DG  C8     C  Y N 48  
DG  N7     N  Y N 49  
DG  C5     C  Y N 50  
DG  C6     C  N N 51  
DG  O6     O  N N 52  
DG  N1     N  N N 53  
DG  C2     C  N N 54  
DG  N2     N  N N 55  
DG  N3     N  N N 56  
DG  C4     C  Y N 57  
DG  HOP3   H  N N 58  
DG  HOP2   H  N N 59  
DG  "H5'"  H  N N 60  
DG  "H5''" H  N N 61  
DG  "H4'"  H  N N 62  
DG  "H3'"  H  N N 63  
DG  "HO3'" H  N N 64  
DG  "H2'"  H  N N 65  
DG  "H2''" H  N N 66  
DG  "H1'"  H  N N 67  
DG  H8     H  N N 68  
DG  H1     H  N N 69  
DG  H21    H  N N 70  
DG  H22    H  N N 71  
HOH O      O  N N 72  
HOH H1     H  N N 73  
HOH H2     H  N N 74  
MG  MG     MG N N 75  
NA  NA     NA N N 76  
P24 N1     N  N N 77  
P24 C2     C  N N 78  
P24 C3     C  N N 79  
P24 N4     N  N N 80  
P24 C5     C  N N 81  
P24 C6     C  N N 82  
P24 C7     C  N N 83  
P24 C8     C  N N 84  
P24 N9     N  N N 85  
P24 HN11   H  N N 86  
P24 HN12   H  N N 87  
P24 H21    H  N N 88  
P24 H22    H  N N 89  
P24 H31    H  N N 90  
P24 H32    H  N N 91  
P24 HN4    H  N N 92  
P24 H51    H  N N 93  
P24 H52    H  N N 94  
P24 H61    H  N N 95  
P24 H62    H  N N 96  
P24 H71    H  N N 97  
P24 H72    H  N N 98  
P24 H81    H  N N 99  
P24 H82    H  N N 100 
P24 HN91   H  N N 101 
P24 HN92   H  N N 102 
# 
loop_
_chem_comp_bond.comp_id 
_chem_comp_bond.atom_id_1 
_chem_comp_bond.atom_id_2 
_chem_comp_bond.value_order 
_chem_comp_bond.pdbx_aromatic_flag 
_chem_comp_bond.pdbx_stereo_config 
_chem_comp_bond.pdbx_ordinal 
DC  OP3   P      sing N N 1   
DC  OP3   HOP3   sing N N 2   
DC  P     OP1    doub N N 3   
DC  P     OP2    sing N N 4   
DC  P     "O5'"  sing N N 5   
DC  OP2   HOP2   sing N N 6   
DC  "O5'" "C5'"  sing N N 7   
DC  "C5'" "C4'"  sing N N 8   
DC  "C5'" "H5'"  sing N N 9   
DC  "C5'" "H5''" sing N N 10  
DC  "C4'" "O4'"  sing N N 11  
DC  "C4'" "C3'"  sing N N 12  
DC  "C4'" "H4'"  sing N N 13  
DC  "O4'" "C1'"  sing N N 14  
DC  "C3'" "O3'"  sing N N 15  
DC  "C3'" "C2'"  sing N N 16  
DC  "C3'" "H3'"  sing N N 17  
DC  "O3'" "HO3'" sing N N 18  
DC  "C2'" "C1'"  sing N N 19  
DC  "C2'" "H2'"  sing N N 20  
DC  "C2'" "H2''" sing N N 21  
DC  "C1'" N1     sing N N 22  
DC  "C1'" "H1'"  sing N N 23  
DC  N1    C2     sing N N 24  
DC  N1    C6     sing N N 25  
DC  C2    O2     doub N N 26  
DC  C2    N3     sing N N 27  
DC  N3    C4     doub N N 28  
DC  C4    N4     sing N N 29  
DC  C4    C5     sing N N 30  
DC  N4    H41    sing N N 31  
DC  N4    H42    sing N N 32  
DC  C5    C6     doub N N 33  
DC  C5    H5     sing N N 34  
DC  C6    H6     sing N N 35  
DG  OP3   P      sing N N 36  
DG  OP3   HOP3   sing N N 37  
DG  P     OP1    doub N N 38  
DG  P     OP2    sing N N 39  
DG  P     "O5'"  sing N N 40  
DG  OP2   HOP2   sing N N 41  
DG  "O5'" "C5'"  sing N N 42  
DG  "C5'" "C4'"  sing N N 43  
DG  "C5'" "H5'"  sing N N 44  
DG  "C5'" "H5''" sing N N 45  
DG  "C4'" "O4'"  sing N N 46  
DG  "C4'" "C3'"  sing N N 47  
DG  "C4'" "H4'"  sing N N 48  
DG  "O4'" "C1'"  sing N N 49  
DG  "C3'" "O3'"  sing N N 50  
DG  "C3'" "C2'"  sing N N 51  
DG  "C3'" "H3'"  sing N N 52  
DG  "O3'" "HO3'" sing N N 53  
DG  "C2'" "C1'"  sing N N 54  
DG  "C2'" "H2'"  sing N N 55  
DG  "C2'" "H2''" sing N N 56  
DG  "C1'" N9     sing N N 57  
DG  "C1'" "H1'"  sing N N 58  
DG  N9    C8     sing Y N 59  
DG  N9    C4     sing Y N 60  
DG  C8    N7     doub Y N 61  
DG  C8    H8     sing N N 62  
DG  N7    C5     sing Y N 63  
DG  C5    C6     sing N N 64  
DG  C5    C4     doub Y N 65  
DG  C6    O6     doub N N 66  
DG  C6    N1     sing N N 67  
DG  N1    C2     sing N N 68  
DG  N1    H1     sing N N 69  
DG  C2    N2     sing N N 70  
DG  C2    N3     doub N N 71  
DG  N2    H21    sing N N 72  
DG  N2    H22    sing N N 73  
DG  N3    C4     sing N N 74  
HOH O     H1     sing N N 75  
HOH O     H2     sing N N 76  
P24 N1    C2     sing N N 77  
P24 N1    HN11   sing N N 78  
P24 N1    HN12   sing N N 79  
P24 C2    C3     sing N N 80  
P24 C2    H21    sing N N 81  
P24 C2    H22    sing N N 82  
P24 C3    N4     sing N N 83  
P24 C3    H31    sing N N 84  
P24 C3    H32    sing N N 85  
P24 N4    C5     sing N N 86  
P24 N4    HN4    sing N N 87  
P24 C5    C6     sing N N 88  
P24 C5    H51    sing N N 89  
P24 C5    H52    sing N N 90  
P24 C6    C7     sing N N 91  
P24 C6    H61    sing N N 92  
P24 C6    H62    sing N N 93  
P24 C7    C8     sing N N 94  
P24 C7    H71    sing N N 95  
P24 C7    H72    sing N N 96  
P24 C8    N9     sing N N 97  
P24 C8    H81    sing N N 98  
P24 C8    H82    sing N N 99  
P24 N9    HN91   sing N N 100 
P24 N9    HN92   sing N N 101 
# 
_ndb_struct_conf_na.entry_id   292D 
_ndb_struct_conf_na.feature    'z-form double helix' 
# 
loop_
_ndb_struct_na_base_pair.model_number 
_ndb_struct_na_base_pair.i_label_asym_id 
_ndb_struct_na_base_pair.i_label_comp_id 
_ndb_struct_na_base_pair.i_label_seq_id 
_ndb_struct_na_base_pair.i_symmetry 
_ndb_struct_na_base_pair.j_label_asym_id 
_ndb_struct_na_base_pair.j_label_comp_id 
_ndb_struct_na_base_pair.j_label_seq_id 
_ndb_struct_na_base_pair.j_symmetry 
_ndb_struct_na_base_pair.shear 
_ndb_struct_na_base_pair.stretch 
_ndb_struct_na_base_pair.stagger 
_ndb_struct_na_base_pair.buckle 
_ndb_struct_na_base_pair.propeller 
_ndb_struct_na_base_pair.opening 
_ndb_struct_na_base_pair.pair_number 
_ndb_struct_na_base_pair.pair_name 
_ndb_struct_na_base_pair.i_auth_asym_id 
_ndb_struct_na_base_pair.i_auth_seq_id 
_ndb_struct_na_base_pair.i_PDB_ins_code 
_ndb_struct_na_base_pair.j_auth_asym_id 
_ndb_struct_na_base_pair.j_auth_seq_id 
_ndb_struct_na_base_pair.j_PDB_ins_code 
_ndb_struct_na_base_pair.hbond_type_28 
_ndb_struct_na_base_pair.hbond_type_12 
1 A DC 1 1_555 B DG 6 1_555 -0.211 -0.198 0.021  2.887  -0.843 2.088 1 A_DC1:DG12_B A 1 ? B 12 ? 19 1 
1 A DG 2 1_555 B DC 5 1_555 0.334  -0.165 -0.003 -4.474 -3.653 1.379 2 A_DG2:DC11_B A 2 ? B 11 ? 19 1 
1 A DC 3 1_555 B DG 4 1_555 -0.250 -0.184 -0.013 5.428  -3.931 2.043 3 A_DC3:DG10_B A 3 ? B 10 ? 19 1 
1 A DG 4 1_555 B DC 3 1_555 0.205  -0.102 0.174  -6.622 0.845  2.121 4 A_DG4:DC9_B  A 4 ? B 9  ? 19 1 
1 A DC 5 1_555 B DG 2 1_555 -0.172 -0.131 0.069  1.742  -0.038 2.255 5 A_DC5:DG8_B  A 5 ? B 8  ? 19 1 
1 A DG 6 1_555 B DC 1 1_555 0.336  -0.091 0.088  0.239  1.690  1.089 6 A_DG6:DC7_B  A 6 ? B 7  ? 19 1 
# 
loop_
_ndb_struct_na_base_pair_step.model_number 
_ndb_struct_na_base_pair_step.i_label_asym_id_1 
_ndb_struct_na_base_pair_step.i_label_comp_id_1 
_ndb_struct_na_base_pair_step.i_label_seq_id_1 
_ndb_struct_na_base_pair_step.i_symmetry_1 
_ndb_struct_na_base_pair_step.j_label_asym_id_1 
_ndb_struct_na_base_pair_step.j_label_comp_id_1 
_ndb_struct_na_base_pair_step.j_label_seq_id_1 
_ndb_struct_na_base_pair_step.j_symmetry_1 
_ndb_struct_na_base_pair_step.i_label_asym_id_2 
_ndb_struct_na_base_pair_step.i_label_comp_id_2 
_ndb_struct_na_base_pair_step.i_label_seq_id_2 
_ndb_struct_na_base_pair_step.i_symmetry_2 
_ndb_struct_na_base_pair_step.j_label_asym_id_2 
_ndb_struct_na_base_pair_step.j_label_comp_id_2 
_ndb_struct_na_base_pair_step.j_label_seq_id_2 
_ndb_struct_na_base_pair_step.j_symmetry_2 
_ndb_struct_na_base_pair_step.shift 
_ndb_struct_na_base_pair_step.slide 
_ndb_struct_na_base_pair_step.rise 
_ndb_struct_na_base_pair_step.tilt 
_ndb_struct_na_base_pair_step.roll 
_ndb_struct_na_base_pair_step.twist 
_ndb_struct_na_base_pair_step.x_displacement 
_ndb_struct_na_base_pair_step.y_displacement 
_ndb_struct_na_base_pair_step.helical_rise 
_ndb_struct_na_base_pair_step.inclination 
_ndb_struct_na_base_pair_step.tip 
_ndb_struct_na_base_pair_step.helical_twist 
_ndb_struct_na_base_pair_step.step_number 
_ndb_struct_na_base_pair_step.step_name 
_ndb_struct_na_base_pair_step.i_auth_asym_id_1 
_ndb_struct_na_base_pair_step.i_auth_seq_id_1 
_ndb_struct_na_base_pair_step.i_PDB_ins_code_1 
_ndb_struct_na_base_pair_step.j_auth_asym_id_1 
_ndb_struct_na_base_pair_step.j_auth_seq_id_1 
_ndb_struct_na_base_pair_step.j_PDB_ins_code_1 
_ndb_struct_na_base_pair_step.i_auth_asym_id_2 
_ndb_struct_na_base_pair_step.i_auth_seq_id_2 
_ndb_struct_na_base_pair_step.i_PDB_ins_code_2 
_ndb_struct_na_base_pair_step.j_auth_asym_id_2 
_ndb_struct_na_base_pair_step.j_auth_seq_id_2 
_ndb_struct_na_base_pair_step.j_PDB_ins_code_2 
1 A DC 1 1_555 B DG 6 1_555 A DG 2 1_555 B DC 5 1_555 0.017  5.310  3.611 -1.141 -5.187 -5.319  -10.222 -6.534 6.222 43.937 -9.668 
-7.515  1 AA_DC1DG2:DC11DG12_BB A 1 ? B 12 ? A 2 ? B 11 ? 
1 A DG 2 1_555 B DC 5 1_555 A DC 3 1_555 B DG 4 1_555 -0.010 -1.030 3.320 -0.065 -4.161 -52.472 1.434   -0.016 3.235 4.698  -0.073 
-52.625 2 AA_DG2DC3:DG10DC11_BB A 2 ? B 11 ? A 3 ? B 10 ? 
1 A DC 3 1_555 B DG 4 1_555 A DG 4 1_555 B DC 3 1_555 0.033  5.415  3.824 -0.370 -3.505 -6.711  -22.964 -1.649 5.890 27.576 -2.913 
-7.580  3 AA_DC3DG4:DC9DG10_BB  A 3 ? B 10 ? A 4 ? B 9  ? 
1 A DG 4 1_555 B DC 3 1_555 A DC 5 1_555 B DG 2 1_555 -0.043 -0.799 3.272 0.325  -2.033 -52.396 1.037   -0.027 3.242 2.302  0.367  
-52.433 4 AA_DG4DC5:DG8DC9_BB   A 4 ? B 9  ? A 5 ? B 8  ? 
1 A DC 5 1_555 B DG 2 1_555 A DG 6 1_555 B DC 1 1_555 0.084  5.322  3.538 0.622  -0.947 -9.146  -30.692 2.121  4.052 5.907  3.881  
-9.216  5 AA_DC5DG6:DC7DG8_BB   A 5 ? B 8  ? A 6 ? B 7  ? 
# 
_pdbx_initial_refinement_model.accession_code   2DCG 
_pdbx_initial_refinement_model.id               1 
_pdbx_initial_refinement_model.entity_id_list   ? 
_pdbx_initial_refinement_model.type             'experimental model' 
_pdbx_initial_refinement_model.source_name      PDB 
_pdbx_initial_refinement_model.details          ZDF001 
# 
_atom_sites.entry_id                    292D 
_atom_sites.fract_transf_matrix[1][1]   -0.00892612 
_atom_sites.fract_transf_matrix[1][2]   0.05464127 
_atom_sites.fract_transf_matrix[1][3]   -0.00645875 
_atom_sites.fract_transf_matrix[2][1]   0.00975181 
_atom_sites.fract_transf_matrix[2][2]   -0.00200422 
_atom_sites.fract_transf_matrix[2][3]   -0.03043297 
_atom_sites.fract_transf_matrix[3][1]   -0.02107633 
_atom_sites.fract_transf_matrix[3][2]   -0.00420853 
_atom_sites.fract_transf_matrix[3][3]   -0.00647645 
_atom_sites.fract_transf_vector[1]      0.677469 
_atom_sites.fract_transf_vector[2]      0.514634 
_atom_sites.fract_transf_vector[3]      0.131549 
# 
loop_
_atom_type.symbol 
C  
MG 
N  
NA 
O  
P  
# 
loop_
_atom_site.group_PDB 
_atom_site.id 
_atom_site.type_symbol 
_atom_site.label_atom_id 
_atom_site.label_alt_id 
_atom_site.label_comp_id 
_atom_site.label_asym_id 
_atom_site.label_entity_id 
_atom_site.label_seq_id 
_atom_site.pdbx_PDB_ins_code 
_atom_site.Cartn_x 
_atom_site.Cartn_y 
_atom_site.Cartn_z 
_atom_site.occupancy 
_atom_site.B_iso_or_equiv 
_atom_site.pdbx_formal_charge 
_atom_site.auth_seq_id 
_atom_site.auth_comp_id 
_atom_site.auth_asym_id 
_atom_site.auth_atom_id 
_atom_site.pdbx_PDB_model_num 
ATOM   1   O  "O5'" . DC  A 1 1 ? 9.522   -2.674  5.907   1.00 6.77  ? 1  DC  A "O5'" 1 
ATOM   2   C  "C5'" . DC  A 1 1 ? 8.829   -3.206  4.740   1.00 4.81  ? 1  DC  A "C5'" 1 
ATOM   3   C  "C4'" . DC  A 1 1 ? 8.829   -2.181  3.615   1.00 4.63  ? 1  DC  A "C4'" 1 
ATOM   4   O  "O4'" . DC  A 1 1 ? 8.007   -1.071  3.963   1.00 4.24  ? 1  DC  A "O4'" 1 
ATOM   5   C  "C3'" . DC  A 1 1 ? 10.221  -1.568  3.253   1.00 6.22  ? 1  DC  A "C3'" 1 
ATOM   6   O  "O3'" . DC  A 1 1 ? 10.222  -1.433  1.820   1.00 5.52  ? 1  DC  A "O3'" 1 
ATOM   7   C  "C2'" . DC  A 1 1 ? 10.217  -0.183  4.009   1.00 4.07  ? 1  DC  A "C2'" 1 
ATOM   8   C  "C1'" . DC  A 1 1 ? 8.700   0.157   3.797   1.00 6.02  ? 1  DC  A "C1'" 1 
ATOM   9   N  N1    . DC  A 1 1 ? 8.160   1.066   4.876   1.00 4.92  ? 1  DC  A N1    1 
ATOM   10  C  C2    . DC  A 1 1 ? 8.160   2.422   4.658   1.00 5.23  ? 1  DC  A C2    1 
ATOM   11  O  O2    . DC  A 1 1 ? 8.552   2.839   3.588   1.00 5.75  ? 1  DC  A O2    1 
ATOM   12  N  N3    . DC  A 1 1 ? 7.742   3.240   5.623   1.00 4.19  ? 1  DC  A N3    1 
ATOM   13  C  C4    . DC  A 1 1 ? 7.385   2.784   6.826   1.00 5.03  ? 1  DC  A C4    1 
ATOM   14  N  N4    . DC  A 1 1 ? 6.921   3.602   7.766   1.00 4.12  ? 1  DC  A N4    1 
ATOM   15  C  C5    . DC  A 1 1 ? 7.332   1.345   7.076   1.00 5.28  ? 1  DC  A C5    1 
ATOM   16  C  C6    . DC  A 1 1 ? 7.726   0.568   6.107   1.00 5.11  ? 1  DC  A C6    1 
ATOM   17  P  P     . DG  A 1 2 ? 10.844  -2.428  0.814   1.00 5.61  ? 2  DG  A P     1 
ATOM   18  O  OP1   . DG  A 1 2 ? 11.964  -3.141  1.400   1.00 6.01  ? 2  DG  A OP1   1 
ATOM   19  O  OP2   . DG  A 1 2 ? 11.030  -1.673  -0.412  1.00 8.82  ? 2  DG  A OP2   1 
ATOM   20  O  "O5'" . DG  A 1 2 ? 9.794   -3.557  0.659   1.00 4.63  ? 2  DG  A "O5'" 1 
ATOM   21  C  "C5'" . DG  A 1 2 ? 8.479   -3.232  0.137   1.00 5.93  ? 2  DG  A "C5'" 1 
ATOM   22  C  "C4'" . DG  A 1 2 ? 7.601   -4.468  0.308   1.00 4.91  ? 2  DG  A "C4'" 1 
ATOM   23  O  "O4'" . DG  A 1 2 ? 7.473   -4.674  1.664   1.00 4.32  ? 2  DG  A "O4'" 1 
ATOM   24  C  "C3'" . DG  A 1 2 ? 6.163   -4.200  -0.186  1.00 5.54  ? 2  DG  A "C3'" 1 
ATOM   25  O  "O3'" . DG  A 1 2 ? 6.094   -4.658  -1.578  1.00 5.73  ? 2  DG  A "O3'" 1 
ATOM   26  C  "C2'" . DG  A 1 2 ? 5.363   -5.068  0.701   1.00 4.14  ? 2  DG  A "C2'" 1 
ATOM   27  C  "C1'" . DG  A 1 2 ? 6.131   -5.166  1.976   1.00 5.29  ? 2  DG  A "C1'" 1 
ATOM   28  N  N9    . DG  A 1 2 ? 5.629   -4.441  3.137   1.00 4.74  ? 2  DG  A N9    1 
ATOM   29  C  C8    . DG  A 1 2 ? 5.480   -4.951  4.409   1.00 5.19  ? 2  DG  A C8    1 
ATOM   30  N  N7    . DG  A 1 2 ? 5.098   -3.959  5.212   1.00 6.19  ? 2  DG  A N7    1 
ATOM   31  C  C5    . DG  A 1 2 ? 5.119   -2.810  4.473   1.00 5.58  ? 2  DG  A C5    1 
ATOM   32  C  C6    . DG  A 1 2 ? 4.812   -1.425  4.838   1.00 6.33  ? 2  DG  A C6    1 
ATOM   33  O  O6    . DG  A 1 2 ? 4.493   -1.083  5.986   1.00 5.67  ? 2  DG  A O6    1 
ATOM   34  N  N1    . DG  A 1 2 ? 4.928   -0.566  3.800   1.00 3.96  ? 2  DG  A N1    1 
ATOM   35  C  C2    . DG  A 1 2 ? 5.340   -0.904  2.578   1.00 4.94  ? 2  DG  A C2    1 
ATOM   36  N  N2    . DG  A 1 2 ? 5.394   0.081   1.715   1.00 4.88  ? 2  DG  A N2    1 
ATOM   37  N  N3    . DG  A 1 2 ? 5.552   -2.168  2.177   1.00 3.64  ? 2  DG  A N3    1 
ATOM   38  C  C4    . DG  A 1 2 ? 5.439   -3.028  3.169   1.00 4.50  ? 2  DG  A C4    1 
ATOM   39  P  P     . DC  A 1 3 ? 5.796   -3.635  -2.781  1.00 9.19  ? 3  DC  A P     1 
ATOM   40  O  OP1   . DC  A 1 3 ? 5.790   -4.496  -3.942  1.00 12.60 ? 3  DC  A OP1   1 
ATOM   41  O  OP2   . DC  A 1 3 ? 6.671   -2.437  -2.654  1.00 10.32 ? 3  DC  A OP2   1 
ATOM   42  O  "O5'" . DC  A 1 3 ? 4.275   -3.351  -2.499  1.00 6.77  ? 3  DC  A "O5'" 1 
ATOM   43  C  "C5'" . DC  A 1 3 ? 3.262   -3.110  -3.497  1.00 5.52  ? 3  DC  A "C5'" 1 
ATOM   44  C  "C4'" . DC  A 1 3 ? 2.660   -1.702  -3.263  1.00 4.13  ? 3  DC  A "C4'" 1 
ATOM   45  O  "O4'" . DC  A 1 3 ? 1.819   -1.756  -2.085  1.00 5.90  ? 3  DC  A "O4'" 1 
ATOM   46  C  "C3'" . DC  A 1 3 ? 3.651   -0.552  -3.087  1.00 5.63  ? 3  DC  A "C3'" 1 
ATOM   47  O  "O3'" . DC  A 1 3 ? 3.015   0.650   -3.523  1.00 7.77  ? 3  DC  A "O3'" 1 
ATOM   48  C  "C2'" . DC  A 1 3 ? 3.690   -0.348  -1.576  1.00 5.83  ? 3  DC  A "C2'" 1 
ATOM   49  C  "C1'" . DC  A 1 3 ? 2.175   -0.681  -1.230  1.00 5.97  ? 3  DC  A "C1'" 1 
ATOM   50  N  N1    . DC  A 1 3 ? 2.066   -1.171  0.156   1.00 5.62  ? 3  DC  A N1    1 
ATOM   51  C  C2    . DC  A 1 3 ? 1.769   -0.224  1.136   1.00 6.20  ? 3  DC  A C2    1 
ATOM   52  O  O2    . DC  A 1 3 ? 1.598   0.970   0.876   1.00 5.87  ? 3  DC  A O2    1 
ATOM   53  N  N3    . DC  A 1 3 ? 1.673   -0.700  2.429   1.00 4.36  ? 3  DC  A N3    1 
ATOM   54  C  C4    . DC  A 1 3 ? 1.788   -1.982  2.792   1.00 5.47  ? 3  DC  A C4    1 
ATOM   55  N  N4    . DC  A 1 3 ? 1.636   -2.334  4.067   1.00 5.33  ? 3  DC  A N4    1 
ATOM   56  C  C5    . DC  A 1 3 ? 2.075   -2.883  1.741   1.00 6.15  ? 3  DC  A C5    1 
ATOM   57  C  C6    . DC  A 1 3 ? 2.182   -2.491  0.486   1.00 5.33  ? 3  DC  A C6    1 
ATOM   58  P  P     . DG  A 1 4 ? 3.367   1.242   -4.982  1.00 10.02 ? 4  DG  A P     1 
ATOM   59  O  OP1   . DG  A 1 4 ? 4.724   0.945   -5.272  1.00 9.61  ? 4  DG  A OP1   1 
ATOM   60  O  OP2   . DG  A 1 4 ? 2.747   2.495   -5.018  1.00 14.91 ? 4  DG  A OP2   1 
ATOM   61  O  "O5'" . DG  A 1 4 ? 2.609   0.232   -6.044  1.00 7.46  ? 4  DG  A "O5'" 1 
ATOM   62  C  "C5'" . DG  A 1 4 ? 1.275   0.245   -6.068  1.00 5.26  ? 4  DG  A "C5'" 1 
ATOM   63  C  "C4'" . DG  A 1 4 ? 0.848   -0.894  -6.950  1.00 4.67  ? 4  DG  A "C4'" 1 
ATOM   64  O  "O4'" . DG  A 1 4 ? 1.242   -2.117  -6.388  1.00 5.75  ? 4  DG  A "O4'" 1 
ATOM   65  C  "C3'" . DG  A 1 4 ? -0.653  -1.034  -7.158  1.00 4.31  ? 4  DG  A "C3'" 1 
ATOM   66  O  "O3'" . DG  A 1 4 ? -1.004  -0.275  -8.359  1.00 4.76  ? 4  DG  A "O3'" 1 
ATOM   67  C  "C2'" . DG  A 1 4 ? -0.912  -2.538  -7.392  1.00 4.83  ? 4  DG  A "C2'" 1 
ATOM   68  C  "C1'" . DG  A 1 4 ? 0.213   -3.164  -6.602  1.00 4.31  ? 4  DG  A "C1'" 1 
ATOM   69  N  N9    . DG  A 1 4 ? -0.045  -3.736  -5.365  1.00 3.92  ? 4  DG  A N9    1 
ATOM   70  C  C8    . DG  A 1 4 ? 0.247   -5.007  -5.034  1.00 5.63  ? 4  DG  A C8    1 
ATOM   71  N  N7    . DG  A 1 4 ? -0.023  -5.301  -3.741  1.00 6.26  ? 4  DG  A N7    1 
ATOM   72  C  C5    . DG  A 1 4 ? -0.488  -4.107  -3.209  1.00 3.62  ? 4  DG  A C5    1 
ATOM   73  C  C6    . DG  A 1 4 ? -0.815  -3.765  -1.918  1.00 3.88  ? 4  DG  A C6    1 
ATOM   74  O  O6    . DG  A 1 4 ? -0.804  -4.496  -0.893  1.00 5.93  ? 4  DG  A O6    1 
ATOM   75  N  N1    . DG  A 1 4 ? -1.132  -2.454  -1.721  1.00 3.98  ? 4  DG  A N1    1 
ATOM   76  C  C2    . DG  A 1 4 ? -1.076  -1.555  -2.727  1.00 6.12  ? 4  DG  A C2    1 
ATOM   77  N  N2    . DG  A 1 4 ? -1.342  -0.268  -2.448  1.00 5.87  ? 4  DG  A N2    1 
ATOM   78  N  N3    . DG  A 1 4 ? -0.768  -1.796  -3.960  1.00 4.22  ? 4  DG  A N3    1 
ATOM   79  C  C4    . DG  A 1 4 ? -0.415  -3.132  -4.131  1.00 3.36  ? 4  DG  A C4    1 
ATOM   80  P  P     . DC  A 1 5 ? -2.472  -0.066  -8.880  1.00 6.03  ? 5  DC  A P     1 
ATOM   81  O  OP1   . DC  A 1 5 ? -3.277  -1.291  -9.038  1.00 9.10  ? 5  DC  A OP1   1 
ATOM   82  O  OP2   . DC  A 1 5 ? -2.327  0.821   -10.092 1.00 9.06  ? 5  DC  A OP2   1 
ATOM   83  O  "O5'" . DC  A 1 5 ? -3.120  0.862   -7.710  1.00 4.54  ? 5  DC  A "O5'" 1 
ATOM   84  C  "C5'" . DC  A 1 5 ? -4.406  1.422   -7.976  1.00 4.36  ? 5  DC  A "C5'" 1 
ATOM   85  C  "C4'" . DC  A 1 5 ? -4.994  1.892   -6.562  1.00 4.59  ? 5  DC  A "C4'" 1 
ATOM   86  O  "O4'" . DC  A 1 5 ? -5.413  0.730   -5.896  1.00 4.74  ? 5  DC  A "O4'" 1 
ATOM   87  C  "C3'" . DC  A 1 5 ? -3.982  2.563   -5.612  1.00 4.78  ? 5  DC  A "C3'" 1 
ATOM   88  O  "O3'" . DC  A 1 5 ? -4.674  3.620   -4.912  1.00 6.46  ? 5  DC  A "O3'" 1 
ATOM   89  C  "C2'" . DC  A 1 5 ? -3.518  1.530   -4.646  1.00 3.96  ? 5  DC  A "C2'" 1 
ATOM   90  C  "C1'" . DC  A 1 5 ? -4.890  0.752   -4.576  1.00 5.68  ? 5  DC  A "C1'" 1 
ATOM   91  N  N1    . DC  A 1 5 ? -4.587  -0.755  -4.233  1.00 4.51  ? 5  DC  A N1    1 
ATOM   92  C  C2    . DC  A 1 5 ? -4.727  -1.106  -2.909  1.00 3.36  ? 5  DC  A C2    1 
ATOM   93  O  O2    . DC  A 1 5 ? -5.049  -0.314  -2.015  1.00 5.57  ? 5  DC  A O2    1 
ATOM   94  N  N3    . DC  A 1 5 ? -4.467  -2.420  -2.583  1.00 3.73  ? 5  DC  A N3    1 
ATOM   95  C  C4    . DC  A 1 5 ? -4.112  -3.305  -3.526  1.00 4.01  ? 5  DC  A C4    1 
ATOM   96  N  N4    . DC  A 1 5 ? -3.827  -4.588  -3.167  1.00 4.19  ? 5  DC  A N4    1 
ATOM   97  C  C5    . DC  A 1 5 ? -3.948  -2.936  -4.882  1.00 3.43  ? 5  DC  A C5    1 
ATOM   98  C  C6    . DC  A 1 5 ? -4.269  -1.696  -5.194  1.00 4.95  ? 5  DC  A C6    1 
ATOM   99  P  P     . DG  A 1 6 ? -4.571  5.127   -5.528  1.00 9.11  ? 6  DG  A P     1 
ATOM   100 O  OP1   . DG  A 1 6 ? -3.203  5.421   -6.077  1.00 10.11 ? 6  DG  A OP1   1 
ATOM   101 O  OP2   . DG  A 1 6 ? -5.129  5.861   -4.530  1.00 12.02 ? 6  DG  A OP2   1 
ATOM   102 O  "O5'" . DG  A 1 6 ? -5.624  5.083   -6.758  1.00 6.76  ? 6  DG  A "O5'" 1 
ATOM   103 C  "C5'" . DG  A 1 6 ? -6.936  5.140   -6.633  1.00 6.74  ? 6  DG  A "C5'" 1 
ATOM   104 C  "C4'" . DG  A 1 6 ? -7.599  5.173   -8.019  1.00 5.93  ? 6  DG  A "C4'" 1 
ATOM   105 O  "O4'" . DG  A 1 6 ? -7.284  3.935   -8.670  1.00 5.74  ? 6  DG  A "O4'" 1 
ATOM   106 C  "C3'" . DG  A 1 6 ? -9.116  5.189   -8.023  1.00 3.98  ? 6  DG  A "C3'" 1 
ATOM   107 O  "O3'" . DG  A 1 6 ? -9.576  6.005   -9.147  1.00 5.93  ? 6  DG  A "O3'" 1 
ATOM   108 C  "C2'" . DG  A 1 6 ? -9.590  3.805   -8.172  1.00 4.03  ? 6  DG  A "C2'" 1 
ATOM   109 C  "C1'" . DG  A 1 6 ? -8.418  3.191   -9.012  1.00 5.77  ? 6  DG  A "C1'" 1 
ATOM   110 N  N9    . DG  A 1 6 ? -8.199  1.831   -8.826  1.00 4.71  ? 6  DG  A N9    1 
ATOM   111 C  C8    . DG  A 1 6 ? -7.788  1.012   -9.856  1.00 5.83  ? 6  DG  A C8    1 
ATOM   112 N  N7    . DG  A 1 6 ? -7.542  -0.239  -9.433  1.00 4.63  ? 6  DG  A N7    1 
ATOM   113 C  C5    . DG  A 1 6 ? -7.756  -0.166  -8.063  1.00 3.87  ? 6  DG  A C5    1 
ATOM   114 C  C6    . DG  A 1 6 ? -7.725  -1.186  -7.090  1.00 4.53  ? 6  DG  A C6    1 
ATOM   115 O  O6    . DG  A 1 6 ? -7.429  -2.397  -7.278  1.00 5.93  ? 6  DG  A O6    1 
ATOM   116 N  N1    . DG  A 1 6 ? -8.021  -0.745  -5.842  1.00 5.23  ? 6  DG  A N1    1 
ATOM   117 C  C2    . DG  A 1 6 ? -8.338  0.501   -5.506  1.00 3.76  ? 6  DG  A C2    1 
ATOM   118 N  N2    . DG  A 1 6 ? -8.573  0.858   -4.259  1.00 3.85  ? 6  DG  A N2    1 
ATOM   119 N  N3    . DG  A 1 6 ? -8.434  1.486   -6.426  1.00 5.40  ? 6  DG  A N3    1 
ATOM   120 C  C4    . DG  A 1 6 ? -8.171  1.089   -7.658  1.00 4.75  ? 6  DG  A C4    1 
ATOM   121 O  "O5'" . DC  B 1 1 ? -9.066  -6.177  1.428   1.00 12.16 ? 7  DC  B "O5'" 1 
ATOM   122 C  "C5'" . DC  B 1 1 ? -8.260  -5.405  2.411   1.00 6.78  ? 7  DC  B "C5'" 1 
ATOM   123 C  "C4'" . DC  B 1 1 ? -8.360  -3.925  2.034   1.00 5.02  ? 7  DC  B "C4'" 1 
ATOM   124 O  "O4'" . DC  B 1 1 ? -7.626  -3.668  0.854   1.00 4.97  ? 7  DC  B "O4'" 1 
ATOM   125 C  "C3'" . DC  B 1 1 ? -9.846  -3.464  1.717   1.00 6.54  ? 7  DC  B "C3'" 1 
ATOM   126 O  "O3'" . DC  B 1 1 ? -9.947  -2.160  2.267   1.00 6.06  ? 7  DC  B "O3'" 1 
ATOM   127 C  "C2'" . DC  B 1 1 ? -9.912  -3.311  0.214   1.00 6.25  ? 7  DC  B "C2'" 1 
ATOM   128 C  "C1'" . DC  B 1 1 ? -8.405  -2.921  -0.071  1.00 5.13  ? 7  DC  B "C1'" 1 
ATOM   129 N  N1    . DC  B 1 1 ? -8.025  -3.344  -1.446  1.00 4.89  ? 7  DC  B N1    1 
ATOM   130 C  C2    . DC  B 1 1 ? -8.084  -2.460  -2.451  1.00 6.13  ? 7  DC  B C2    1 
ATOM   131 O  O2    . DC  B 1 1 ? -8.433  -1.276  -2.236  1.00 5.19  ? 7  DC  B O2    1 
ATOM   132 N  N3    . DC  B 1 1 ? -7.742  -2.853  -3.723  1.00 4.73  ? 7  DC  B N3    1 
ATOM   133 C  C4    . DC  B 1 1 ? -7.352  -4.171  -3.978  1.00 3.98  ? 7  DC  B C4    1 
ATOM   134 N  N4    . DC  B 1 1 ? -7.002  -4.429  -5.237  1.00 4.87  ? 7  DC  B N4    1 
ATOM   135 C  C5    . DC  B 1 1 ? -7.291  -5.086  -2.930  1.00 4.13  ? 7  DC  B C5    1 
ATOM   136 C  C6    . DC  B 1 1 ? -7.624  -4.670  -1.674  1.00 5.25  ? 7  DC  B C6    1 
ATOM   137 P  P     . DG  B 1 2 ? -10.541 -1.807  3.747   1.00 7.80  ? 8  DG  B P     1 
ATOM   138 O  OP1   . DG  B 1 2 ? -11.624 -2.680  3.997   1.00 8.98  ? 8  DG  B OP1   1 
ATOM   139 O  OP2   . DG  B 1 2 ? -10.751 -0.318  3.708   1.00 11.93 ? 8  DG  B OP2   1 
ATOM   140 O  "O5'" . DG  B 1 2 ? -9.351  -2.169  4.741   1.00 7.53  ? 8  DG  B "O5'" 1 
ATOM   141 C  "C5'" . DG  B 1 2 ? -8.150  -1.438  4.681   1.00 5.10  ? 8  DG  B "C5'" 1 
ATOM   142 C  "C4'" . DG  B 1 2 ? -7.076  -2.057  5.569   1.00 5.17  ? 8  DG  B "C4'" 1 
ATOM   143 O  "O4'" . DG  B 1 2 ? -6.917  -3.396  5.119   1.00 5.01  ? 8  DG  B "O4'" 1 
ATOM   144 C  "C3'" . DG  B 1 2 ? -5.655  -1.459  5.588   1.00 7.03  ? 8  DG  B "C3'" 1 
ATOM   145 O  "O3'" . DG  B 1 2 ? -5.606  -0.558  6.762   1.00 8.79  ? 8  DG  B "O3'" 1 
ATOM   146 C  "C2'" . DG  B 1 2 ? -4.671  -2.563  5.705   1.00 7.46  ? 8  DG  B "C2'" 1 
ATOM   147 C  "C1'" . DG  B 1 2 ? -5.569  -3.792  5.245   1.00 3.85  ? 8  DG  B "C1'" 1 
ATOM   148 N  N9    . DG  B 1 2 ? -5.089  -4.363  4.020   1.00 4.61  ? 8  DG  B N9    1 
ATOM   149 C  C8    . DG  B 1 2 ? -4.763  -5.647  3.821   1.00 5.10  ? 8  DG  B C8    1 
ATOM   150 N  N7    . DG  B 1 2 ? -4.470  -5.968  2.579   1.00 5.25  ? 8  DG  B N7    1 
ATOM   151 C  C5    . DG  B 1 2 ? -4.597  -4.782  1.912   1.00 4.44  ? 8  DG  B C5    1 
ATOM   152 C  C6    . DG  B 1 2 ? -4.430  -4.457  0.537   1.00 4.37  ? 8  DG  B C6    1 
ATOM   153 O  O6    . DG  B 1 2 ? -4.110  -5.238  -0.365  1.00 5.77  ? 8  DG  B O6    1 
ATOM   154 N  N1    . DG  B 1 2 ? -4.670  -3.151  0.232   1.00 4.21  ? 8  DG  B N1    1 
ATOM   155 C  C2    . DG  B 1 2 ? -5.045  -2.235  1.177   1.00 3.89  ? 8  DG  B C2    1 
ATOM   156 N  N2    . DG  B 1 2 ? -5.301  -1.040  0.717   1.00 5.05  ? 8  DG  B N2    1 
ATOM   157 N  N3    . DG  B 1 2 ? -5.256  -2.492  2.456   1.00 4.02  ? 8  DG  B N3    1 
ATOM   158 C  C4    . DG  B 1 2 ? -4.961  -3.778  2.760   1.00 6.02  ? 8  DG  B C4    1 
ATOM   159 P  P     . DC  B 1 3 ? -5.631  1.111   6.547   1.00 13.36 ? 9  DC  B P     1 
ATOM   160 O  OP1   . DC  B 1 3 ? -5.564  1.441   7.786   1.00 26.08 ? 9  DC  B OP1   1 
ATOM   161 O  OP2   . DC  B 1 3 ? -6.596  1.671   5.514   1.00 18.42 ? 9  DC  B OP2   1 
ATOM   162 O  "O5'" . DC  B 1 3 ? -4.187  1.245   5.773   1.00 3.39  ? 9  DC  B "O5'" 1 
ATOM   163 C  "C5'" . DC  B 1 3 ? -3.368  2.397   6.026   1.00 6.72  ? 9  DC  B "C5'" 1 
ATOM   164 C  "C4'" . DC  B 1 3 ? -2.791  2.878   4.640   1.00 4.88  ? 9  DC  B "C4'" 1 
ATOM   165 O  "O4'" . DC  B 1 3 ? -1.968  1.871   4.180   1.00 4.80  ? 9  DC  B "O4'" 1 
ATOM   166 C  "C3'" . DC  B 1 3 ? -3.898  3.109   3.592   1.00 5.23  ? 9  DC  B "C3'" 1 
ATOM   167 O  "O3'" . DC  B 1 3 ? -3.501  4.280   2.836   1.00 5.62  ? 9  DC  B "O3'" 1 
ATOM   168 C  "C2'" . DC  B 1 3 ? -3.841  1.888   2.645   1.00 3.80  ? 9  DC  B "C2'" 1 
ATOM   169 C  "C1'" . DC  B 1 3 ? -2.285  1.563   2.797   1.00 4.90  ? 9  DC  B "C1'" 1 
ATOM   170 N  N1    . DC  B 1 3 ? -2.059  0.177   2.577   1.00 3.06  ? 9  DC  B N1    1 
ATOM   171 C  C2    . DC  B 1 3 ? -1.774  -0.263  1.298   1.00 4.83  ? 9  DC  B C2    1 
ATOM   172 O  O2    . DC  B 1 3 ? -1.835  0.537   0.324   1.00 5.13  ? 9  DC  B O2    1 
ATOM   173 N  N3    . DC  B 1 3 ? -1.520  -1.581  1.070   1.00 3.94  ? 9  DC  B N3    1 
ATOM   174 C  C4    . DC  B 1 3 ? -1.519  -2.471  2.115   1.00 6.27  ? 9  DC  B C4    1 
ATOM   175 N  N4    . DC  B 1 3 ? -1.265  -3.785  1.826   1.00 5.30  ? 9  DC  B N4    1 
ATOM   176 C  C5    . DC  B 1 3 ? -1.737  -2.074  3.469   1.00 4.92  ? 9  DC  B C5    1 
ATOM   177 C  C6    . DC  B 1 3 ? -1.951  -0.726  3.601   1.00 5.01  ? 9  DC  B C6    1 
ATOM   178 P  P     . DG  B 1 4 ? -3.930  5.767   3.139   1.00 6.49  ? 10 DG  B P     1 
ATOM   179 O  OP1   . DG  B 1 4 ? -5.285  5.755   3.527   1.00 7.49  ? 10 DG  B OP1   1 
ATOM   180 O  OP2   . DG  B 1 4 ? -3.509  6.526   1.922   1.00 10.00 ? 10 DG  B OP2   1 
ATOM   181 O  "O5'" . DG  B 1 4 ? -3.053  6.245   4.417   1.00 5.23  ? 10 DG  B "O5'" 1 
ATOM   182 C  "C5'" . DG  B 1 4 ? -1.669  6.322   4.303   1.00 5.32  ? 10 DG  B "C5'" 1 
ATOM   183 C  "C4'" . DG  B 1 4 ? -1.094  6.676   5.583   1.00 4.16  ? 10 DG  B "C4'" 1 
ATOM   184 O  "O4'" . DG  B 1 4 ? -1.425  5.691   6.549   1.00 5.63  ? 10 DG  B "O4'" 1 
ATOM   185 C  "C3'" . DG  B 1 4 ? 0.435   6.808   5.493   1.00 4.21  ? 10 DG  B "C3'" 1 
ATOM   186 O  "O3'" . DG  B 1 4 ? 0.731   8.231   5.410   1.00 7.83  ? 10 DG  B "O3'" 1 
ATOM   187 C  "C2'" . DG  B 1 4 ? 0.932   6.204   6.784   1.00 5.98  ? 10 DG  B "C2'" 1 
ATOM   188 C  "C1'" . DG  B 1 4 ? -0.297  5.327   7.316   1.00 5.68  ? 10 DG  B "C1'" 1 
ATOM   189 N  N9    . DG  B 1 4 ? -0.026  3.938   7.265   1.00 4.54  ? 10 DG  B N9    1 
ATOM   190 C  C8    . DG  B 1 4 ? -0.173  3.051   8.197   1.00 6.97  ? 10 DG  B C8    1 
ATOM   191 N  N7    . DG  B 1 4 ? 0.124   1.786   7.884   1.00 6.54  ? 10 DG  B N7    1 
ATOM   192 C  C5    . DG  B 1 4 ? 0.439   1.884   6.581   1.00 5.19  ? 10 DG  B C5    1 
ATOM   193 C  C6    . DG  B 1 4 ? 0.806   0.886   5.637   1.00 8.69  ? 10 DG  B C6    1 
ATOM   194 O  O6    . DG  B 1 4 ? 0.871   -0.342  5.898   1.00 6.73  ? 10 DG  B O6    1 
ATOM   195 N  N1    . DG  B 1 4 ? 1.107   1.326   4.409   1.00 4.16  ? 10 DG  B N1    1 
ATOM   196 C  C2    . DG  B 1 4 ? 0.957   2.693   4.080   1.00 4.67  ? 10 DG  B C2    1 
ATOM   197 N  N2    . DG  B 1 4 ? 1.214   2.993   2.860   1.00 5.10  ? 10 DG  B N2    1 
ATOM   198 N  N3    . DG  B 1 4 ? 0.655   3.673   4.921   1.00 3.68  ? 10 DG  B N3    1 
ATOM   199 C  C4    . DG  B 1 4 ? 0.348   3.202   6.137   1.00 5.98  ? 10 DG  B C4    1 
ATOM   200 P  P     . DC  B 1 5 ? 1.443   8.790   4.070   1.00 8.21  ? 11 DC  B P     1 
ATOM   201 O  OP1   . DC  B 1 5 ? 1.666   10.227  4.294   1.00 7.30  ? 11 DC  B OP1   1 
ATOM   202 O  OP2   . DC  B 1 5 ? 0.741   8.394   2.807   1.00 9.23  ? 11 DC  B OP2   1 
ATOM   203 O  "O5'" . DC  B 1 5 ? 2.960   8.185   4.276   1.00 9.24  ? 11 DC  B "O5'" 1 
ATOM   204 C  "C5'" . DC  B 1 5 ? 4.137   8.717   3.818   1.00 6.32  ? 11 DC  B "C5'" 1 
ATOM   205 C  "C4'" . DC  B 1 5 ? 4.842   7.812   2.850   1.00 4.82  ? 11 DC  B "C4'" 1 
ATOM   206 O  "O4'" . DC  B 1 5 ? 5.267   6.662   3.592   1.00 7.36  ? 11 DC  B "O4'" 1 
ATOM   207 C  "C3'" . DC  B 1 5 ? 4.007   7.265   1.664   1.00 6.56  ? 11 DC  B "C3'" 1 
ATOM   208 O  "O3'" . DC  B 1 5 ? 4.896   7.257   0.525   1.00 7.79  ? 11 DC  B "O3'" 1 
ATOM   209 C  "C2'" . DC  B 1 5 ? 3.782   5.768   2.003   1.00 5.68  ? 11 DC  B "C2'" 1 
ATOM   210 C  "C1'" . DC  B 1 5 ? 4.967   5.459   2.865   1.00 4.75  ? 11 DC  B "C1'" 1 
ATOM   211 N  N1    . DC  B 1 5 ? 4.634   4.460   3.958   1.00 4.65  ? 11 DC  B N1    1 
ATOM   212 C  C2    . DC  B 1 5 ? 4.777   3.086   3.613   1.00 4.97  ? 11 DC  B C2    1 
ATOM   213 O  O2    . DC  B 1 5 ? 5.139   2.804   2.505   1.00 5.22  ? 11 DC  B O2    1 
ATOM   214 N  N3    . DC  B 1 5 ? 4.541   2.202   4.616   1.00 4.57  ? 11 DC  B N3    1 
ATOM   215 C  C4    . DC  B 1 5 ? 4.188   2.576   5.872   1.00 4.67  ? 11 DC  B C4    1 
ATOM   216 N  N4    . DC  B 1 5 ? 3.926   1.567   6.714   1.00 6.89  ? 11 DC  B N4    1 
ATOM   217 C  C5    . DC  B 1 5 ? 3.956   3.982   6.131   1.00 5.44  ? 11 DC  B C5    1 
ATOM   218 C  C6    . DC  B 1 5 ? 4.233   4.859   5.174   1.00 4.61  ? 11 DC  B C6    1 
ATOM   219 P  P     . DG  B 1 6 ? 4.834   8.446   -0.567  1.00 8.02  ? 12 DG  B P     1 
ATOM   220 O  OP1   . DG  B 1 6 ? 3.526   8.745   -0.801  1.00 9.47  ? 12 DG  B OP1   1 
ATOM   221 O  OP2   . DG  B 1 6 ? 5.790   7.992   -1.654  1.00 10.91 ? 12 DG  B OP2   1 
ATOM   222 O  "O5'" . DG  B 1 6 ? 5.523   9.702   0.213   1.00 6.16  ? 12 DG  B "O5'" 1 
ATOM   223 C  "C5'" . DG  B 1 6 ? 6.852   9.852   0.225   1.00 7.37  ? 12 DG  B "C5'" 1 
ATOM   224 C  "C4'" . DG  B 1 6 ? 7.189   11.019  1.142   1.00 5.78  ? 12 DG  B "C4'" 1 
ATOM   225 O  "O4'" . DG  B 1 6 ? 6.729   10.776  2.446   1.00 5.54  ? 12 DG  B "O4'" 1 
ATOM   226 C  "C3'" . DG  B 1 6 ? 8.728   11.295  1.160   1.00 6.37  ? 12 DG  B "C3'" 1 
ATOM   227 O  "O3'" . DG  B 1 6 ? 8.976   12.751  1.335   1.00 7.60  ? 12 DG  B "O3'" 1 
ATOM   228 C  "C2'" . DG  B 1 6 ? 9.099   10.549  2.416   1.00 6.30  ? 12 DG  B "C2'" 1 
ATOM   229 C  "C1'" . DG  B 1 6 ? 7.873   10.920  3.360   1.00 5.12  ? 12 DG  B "C1'" 1 
ATOM   230 N  N9    . DG  B 1 6 ? 7.655   10.022  4.432   1.00 4.43  ? 12 DG  B N9    1 
ATOM   231 C  C8    . DG  B 1 6 ? 7.132   10.374  5.688   1.00 5.79  ? 12 DG  B C8    1 
ATOM   232 N  N7    . DG  B 1 6 ? 6.923   9.355   6.450   1.00 6.19  ? 12 DG  B N7    1 
ATOM   233 C  C5    . DG  B 1 6 ? 7.361   8.250   5.721   1.00 4.41  ? 12 DG  B C5    1 
ATOM   234 C  C6    . DG  B 1 6 ? 7.359   6.866   6.037   1.00 6.34  ? 12 DG  B C6    1 
ATOM   235 O  O6    . DG  B 1 6 ? 6.990   6.398   7.132   1.00 5.60  ? 12 DG  B O6    1 
ATOM   236 N  N1    . DG  B 1 6 ? 7.843   6.015   5.086   1.00 5.44  ? 12 DG  B N1    1 
ATOM   237 C  C2    . DG  B 1 6 ? 8.231   6.457   3.863   1.00 5.26  ? 12 DG  B C2    1 
ATOM   238 N  N2    . DG  B 1 6 ? 8.607   5.611   2.978   1.00 3.69  ? 12 DG  B N2    1 
ATOM   239 N  N3    . DG  B 1 6 ? 8.198   7.799   3.490   1.00 3.93  ? 12 DG  B N3    1 
ATOM   240 C  C4    . DG  B 1 6 ? 7.795   8.603   4.435   1.00 3.20  ? 12 DG  B C4    1 
HETATM 241 N  N1    . P24 C 2 . ? 10.606  -4.078  -2.541  1.00 30.82 ? 13 P24 A N1    1 
HETATM 242 C  C2    . P24 C 2 . ? 10.783  -2.481  -2.823  1.00 26.29 ? 13 P24 A C2    1 
HETATM 243 C  C3    . P24 C 2 . ? 10.280  -1.920  -4.157  1.00 41.99 ? 13 P24 A C3    1 
HETATM 244 N  N4    . P24 C 2 . ? 8.729   -1.414  -4.208  1.00 41.06 ? 13 P24 A N4    1 
HETATM 245 C  C5    . P24 C 2 . ? 8.626   0.165   -4.362  1.00 42.57 ? 13 P24 A C5    1 
HETATM 246 C  C6    . P24 C 2 . ? 7.199   0.789   -3.776  1.00 38.32 ? 13 P24 A C6    1 
HETATM 247 C  C7    . P24 C 2 . ? 7.680   2.420   -3.586  1.00 43.80 ? 13 P24 A C7    1 
HETATM 248 C  C8    . P24 C 2 . ? 6.298   3.101   -3.033  1.00 38.39 ? 13 P24 A C8    1 
HETATM 249 N  N9    . P24 C 2 . ? 5.999   2.195   -1.767  1.00 32.94 ? 13 P24 A N9    1 
HETATM 250 MG MG    . MG  D 3 . ? -7.115  -2.139  -10.737 1.00 16.85 ? 14 MG  A MG    1 
HETATM 251 MG MG    . MG  E 3 . ? -8.126  -4.761  -10.842 1.00 38.07 ? 15 MG  A MG    1 
HETATM 252 MG MG    . MG  F 3 . ? -1.837  -9.013  0.733   1.00 26.53 ? 16 MG  B MG    1 
HETATM 253 NA NA    . NA  G 4 . ? -8.487  3.587   4.488   1.00 42.28 ? 17 NA  B NA    1 
HETATM 254 O  O     . HOH H 5 . ? 6.850   -0.240  -1.006  1.00 8.65  ? 18 HOH A O     1 
HETATM 255 O  O     . HOH H 5 . ? 3.767   2.770   -0.080  1.00 23.76 ? 20 HOH A O     1 
HETATM 256 O  O     . HOH H 5 . ? 4.061   -7.917  2.698   1.00 14.92 ? 21 HOH A O     1 
HETATM 257 O  O     . HOH H 5 . ? 5.457   -8.098  -1.783  1.00 31.54 ? 22 HOH A O     1 
HETATM 258 O  O     . HOH H 5 . ? 5.931   1.913   10.161  1.00 13.33 ? 23 HOH A O     1 
HETATM 259 O  O     . HOH H 5 . ? 7.638   -9.842  -8.515  1.00 12.03 ? 24 HOH A O     1 
HETATM 260 O  O     . HOH H 5 . ? 2.018   -5.422  4.003   1.00 17.55 ? 26 HOH A O     1 
HETATM 261 O  O     . HOH H 5 . ? 6.861   -8.503  -10.846 1.00 19.71 ? 28 HOH A O     1 
HETATM 262 O  O     . HOH H 5 . ? 3.912   -6.131  -4.830  1.00 18.24 ? 29 HOH A O     1 
HETATM 263 O  O     . HOH H 5 . ? 3.669   -3.167  -7.292  1.00 13.30 ? 30 HOH A O     1 
HETATM 264 O  O     . HOH H 5 . ? 4.403   -1.852  -9.648  1.00 21.06 ? 31 HOH A O     1 
HETATM 265 O  O     . HOH H 5 . ? 1.661   -5.839  -0.271  1.00 15.12 ? 33 HOH A O     1 
HETATM 266 O  O     . HOH H 5 . ? -0.054  2.734   -0.722  1.00 15.29 ? 34 HOH A O     1 
HETATM 267 O  O     . HOH H 5 . ? -0.236  2.287   -3.510  1.00 10.56 ? 36 HOH A O     1 
HETATM 268 O  O     . HOH H 5 . ? 4.826   -9.207  -11.917 1.00 11.40 ? 37 HOH A O     1 
HETATM 269 O  O     . HOH H 5 . ? 2.511   -5.719  6.620   1.00 11.55 ? 40 HOH A O     1 
HETATM 270 O  O     . HOH H 5 . ? 1.253   3.708   -12.874 1.00 29.42 ? 41 HOH A O     1 
HETATM 271 O  O     . HOH H 5 . ? 3.625   -11.809 -12.571 1.00 19.08 ? 43 HOH A O     1 
HETATM 272 O  O     . HOH H 5 . ? 1.491   4.337   -16.601 1.00 17.03 ? 44 HOH A O     1 
HETATM 273 O  O     . HOH H 5 . ? -4.084  2.188   -1.192  1.00 14.36 ? 47 HOH A O     1 
HETATM 274 O  O     . HOH H 5 . ? 0.403   -9.768  -11.203 1.00 8.30  ? 53 HOH A O     1 
HETATM 275 O  O     . HOH H 5 . ? 3.311   -3.653  9.890   1.00 22.97 ? 54 HOH A O     1 
HETATM 276 O  O     . HOH H 5 . ? 8.917   -6.752  -10.444 1.00 21.66 ? 55 HOH A O     1 
HETATM 277 O  O     . HOH H 5 . ? 2.997   -0.910  8.143   1.00 31.95 ? 59 HOH A O     1 
HETATM 278 O  O     . HOH H 5 . ? 7.238   -4.700  -10.402 1.00 28.12 ? 61 HOH A O     1 
HETATM 279 O  O     . HOH H 5 . ? 2.615   1.602   -9.702  1.00 34.31 ? 62 HOH A O     1 
HETATM 280 O  O     . HOH H 5 . ? 1.345   3.824   -6.829  1.00 28.27 ? 64 HOH A O     1 
HETATM 281 O  O     . HOH H 5 . ? 1.215   -0.273  -12.989 1.00 29.45 ? 65 HOH A O     1 
HETATM 282 O  O     . HOH H 5 . ? 2.786   -9.679  -10.006 1.00 12.77 ? 66 HOH A O     1 
HETATM 283 O  O     . HOH H 5 . ? 0.940   -11.698 -12.782 1.00 25.11 ? 67 HOH A O     1 
HETATM 284 O  O     . HOH H 5 . ? -0.090  1.184   -11.409 1.00 28.03 ? 68 HOH A O     1 
HETATM 285 O  O     . HOH H 5 . ? 1.927   -6.327  2.177   1.00 30.26 ? 71 HOH A O     1 
HETATM 286 O  O     . HOH H 5 . ? 6.349   -6.133  -8.123  1.00 34.39 ? 72 HOH A O     1 
HETATM 287 O  O     . HOH H 5 . ? 8.329   -8.753  -2.259  1.00 32.95 ? 73 HOH A O     1 
HETATM 288 O  O     . HOH H 5 . ? 8.058   -6.191  -4.095  1.00 32.73 ? 74 HOH A O     1 
HETATM 289 O  O     . HOH H 5 . ? 5.823   -1.212  -6.188  1.00 32.12 ? 75 HOH A O     1 
HETATM 290 O  O     . HOH H 5 . ? 7.177   -3.707  -6.418  1.00 35.65 ? 76 HOH A O     1 
HETATM 291 O  O     . HOH H 5 . ? 4.711   0.944   -9.326  1.00 38.50 ? 78 HOH A O     1 
HETATM 292 O  O     . HOH H 5 . ? -8.631  -1.394  -12.089 1.00 16.91 ? 79 HOH A O     1 
HETATM 293 O  O     . HOH H 5 . ? -5.437  -2.456  -9.500  1.00 16.47 ? 80 HOH A O     1 
HETATM 294 O  O     . HOH H 5 . ? -5.959  -0.948  -12.115 1.00 19.78 ? 81 HOH A O     1 
HETATM 295 O  O     . HOH H 5 . ? -8.368  -3.120  -9.820  1.00 11.94 ? 82 HOH A O     1 
HETATM 296 O  O     . HOH H 5 . ? -6.576  -3.847  -11.917 1.00 11.58 ? 83 HOH A O     1 
HETATM 297 O  O     . HOH H 5 . ? -9.492  -5.155  -12.539 1.00 31.07 ? 84 HOH A O     1 
HETATM 298 O  O     . HOH H 5 . ? -7.230  -4.975  -8.744  1.00 22.60 ? 85 HOH A O     1 
HETATM 299 O  O     . HOH H 5 . ? -9.914  -5.187  -9.895  1.00 19.87 ? 86 HOH A O     1 
HETATM 300 O  O     . HOH H 5 . ? -7.230  -6.586  -11.107 1.00 11.78 ? 87 HOH A O     1 
HETATM 301 O  O     . HOH I 5 . ? 3.431   2.669   9.423   1.00 15.25 ? 19 HOH B O     1 
HETATM 302 O  O     . HOH I 5 . ? -2.016  3.761   11.526  1.00 7.26  ? 25 HOH B O     1 
HETATM 303 O  O     . HOH I 5 . ? 0.526   5.681   1.569   1.00 11.32 ? 27 HOH B O     1 
HETATM 304 O  O     . HOH I 5 . ? 0.635   -8.370  4.355   1.00 18.14 ? 32 HOH B O     1 
HETATM 305 O  O     . HOH I 5 . ? -1.689  5.465   0.223   1.00 19.17 ? 35 HOH B O     1 
HETATM 306 O  O     . HOH I 5 . ? -0.755  -5.634  3.918   1.00 12.03 ? 38 HOH B O     1 
HETATM 307 O  O     . HOH I 5 . ? -2.740  -0.811  9.139   1.00 16.16 ? 39 HOH B O     1 
HETATM 308 O  O     . HOH I 5 . ? -10.740 0.759   6.317   1.00 18.61 ? 42 HOH B O     1 
HETATM 309 O  O     . HOH I 5 . ? -5.477  -0.391  10.678  1.00 11.05 ? 45 HOH B O     1 
HETATM 310 O  O     . HOH I 5 . ? -6.742  1.395   12.463  1.00 10.99 ? 46 HOH B O     1 
HETATM 311 O  O     . HOH I 5 . ? -8.275  0.480   14.441  1.00 17.57 ? 48 HOH B O     1 
HETATM 312 O  O     . HOH I 5 . ? -3.522  -9.286  4.902   1.00 11.14 ? 49 HOH B O     1 
HETATM 313 O  O     . HOH I 5 . ? -8.799  1.521   10.844  1.00 16.17 ? 50 HOH B O     1 
HETATM 314 O  O     . HOH I 5 . ? -7.419  -1.678  9.370   1.00 9.30  ? 51 HOH B O     1 
HETATM 315 O  O     . HOH I 5 . ? -8.518  0.644   8.223   1.00 11.96 ? 52 HOH B O     1 
HETATM 316 O  O     . HOH I 5 . ? 1.467   2.131   11.516  1.00 21.55 ? 56 HOH B O     1 
HETATM 317 O  O     . HOH I 5 . ? 0.741   4.256   11.628  1.00 19.24 ? 57 HOH B O     1 
HETATM 318 O  O     . HOH I 5 . ? -0.033  7.019   10.303  1.00 18.33 ? 58 HOH B O     1 
HETATM 319 O  O     . HOH I 5 . ? 0.860   -0.024  10.099  1.00 20.45 ? 60 HOH B O     1 
HETATM 320 O  O     . HOH I 5 . ? 1.788   -10.488 -0.022  1.00 31.52 ? 63 HOH B O     1 
HETATM 321 O  O     . HOH I 5 . ? -10.521 5.765   12.870  1.00 32.60 ? 69 HOH B O     1 
HETATM 322 O  O     . HOH I 5 . ? -5.851  4.082   13.463  1.00 9.39  ? 70 HOH B O     1 
HETATM 323 O  O     . HOH I 5 . ? 4.527   -11.569 0.940   1.00 35.86 ? 77 HOH B O     1 
HETATM 324 O  O     . HOH I 5 . ? -0.732  -9.749  -0.823  1.00 23.48 ? 88 HOH B O     1 
HETATM 325 O  O     . HOH I 5 . ? -3.015  -8.311  2.345   1.00 19.21 ? 89 HOH B O     1 
HETATM 326 O  O     . HOH I 5 . ? -1.996  -10.891 1.655   1.00 18.56 ? 90 HOH B O     1 
HETATM 327 O  O     . HOH I 5 . ? -1.922  -7.314  -0.401  1.00 15.19 ? 91 HOH B O     1 
HETATM 328 O  O     . HOH I 5 . ? 0.074   -8.406  1.496   1.00 26.31 ? 92 HOH B O     1 
HETATM 329 O  O     . HOH I 5 . ? -9.853  5.620   4.147   1.00 22.32 ? 93 HOH B O     1 
HETATM 330 O  O     . HOH I 5 . ? -7.351  4.760   2.435   1.00 28.46 ? 94 HOH B O     1 
HETATM 331 O  O     . HOH I 5 . ? -9.919  3.351   6.431   1.00 28.48 ? 95 HOH B O     1 
HETATM 332 O  O     . HOH I 5 . ? -6.832  5.149   5.588   1.00 8.87  ? 96 HOH B O     1 
HETATM 333 O  O     . HOH I 5 . ? -10.389 3.411   3.119   1.00 38.08 ? 97 HOH B O     1 
# 
